data_6KET
#
_entry.id   6KET
#
_cell.length_a   95.610
_cell.length_b   103.554
_cell.length_c   77.225
_cell.angle_alpha   90.000
_cell.angle_beta   90.000
_cell.angle_gamma   90.000
#
_symmetry.space_group_name_H-M   'P 21 21 2'
#
loop_
_entity.id
_entity.type
_entity.pdbx_description
1 polymer PuwE
2 water water
#
_entity_poly.entity_id   1
_entity_poly.type   'polypeptide(L)'
_entity_poly.pdbx_seq_one_letter_code
;PNKTVQFSLYYFGNYESEFSHDKYNLLFAGAKYADQHGFTAVWIPERHFHAFGGFSPNPSVIAAAIARETKQIQIRSGSV
VLPLHHPIRVVEEWSVVDNLSQGRVGISFASGWNPNDFALAPQSFGNHRELMFQGIETVRKLWRGEFIQVQNGVGKSISV
QAFPRPMQAELPDWITVVNNPETYIKAGEMGSGVLTNLMGQSIEDLAENIALYRESLEKHGYNPASGKVTVLLHTFVGQD
LEQTREIARQPLCDYLKSSVALFQNLVKSQGLQVDFDQMTADDQDYILSAAYNRYVQSSALIGTPASCAEVIAKLQAIGV
DEVACLIDFGVNTPAVVESLPDLNALRELCQPKTGEQEKEPS
;
_entity_poly.pdbx_strand_id   A,B
#
# COMPACT_ATOMS: atom_id res chain seq x y z
N THR A 4 -20.88 -23.29 11.18
CA THR A 4 -20.64 -23.55 9.76
C THR A 4 -19.38 -22.86 9.29
N VAL A 5 -18.82 -23.39 8.19
CA VAL A 5 -17.58 -22.88 7.63
C VAL A 5 -17.83 -21.54 6.95
N GLN A 6 -16.94 -20.59 7.19
CA GLN A 6 -16.94 -19.32 6.48
C GLN A 6 -16.32 -19.46 5.10
N PHE A 7 -16.87 -18.75 4.12
CA PHE A 7 -16.36 -18.76 2.76
C PHE A 7 -15.73 -17.42 2.42
N SER A 8 -14.49 -17.45 1.91
CA SER A 8 -13.74 -16.26 1.56
C SER A 8 -13.08 -16.45 0.20
N LEU A 9 -12.66 -15.36 -0.42
CA LEU A 9 -11.87 -15.44 -1.64
C LEU A 9 -10.40 -15.28 -1.31
N TYR A 10 -9.54 -15.85 -2.15
CA TYR A 10 -8.09 -15.73 -1.99
C TYR A 10 -7.50 -15.47 -3.37
N TYR A 11 -6.59 -14.51 -3.46
CA TYR A 11 -5.98 -14.17 -4.73
C TYR A 11 -4.50 -14.55 -4.72
N PHE A 12 -4.10 -15.26 -5.77
CA PHE A 12 -2.69 -15.52 -6.03
C PHE A 12 -2.00 -14.28 -6.56
N GLY A 13 -2.72 -13.43 -7.28
CA GLY A 13 -2.17 -12.20 -7.83
C GLY A 13 -2.03 -12.18 -9.35
N ASN A 14 -2.77 -13.03 -10.06
CA ASN A 14 -2.63 -13.12 -11.50
C ASN A 14 -3.50 -12.10 -12.22
N TYR A 15 -3.12 -11.79 -13.45
CA TYR A 15 -3.87 -10.85 -14.29
C TYR A 15 -3.67 -11.26 -15.74
N GLU A 16 -4.35 -10.54 -16.65
CA GLU A 16 -4.61 -11.12 -17.97
C GLU A 16 -3.39 -11.04 -18.89
N SER A 17 -2.60 -9.98 -18.80
CA SER A 17 -1.36 -9.88 -19.56
C SER A 17 -0.44 -8.90 -18.84
N GLU A 18 0.84 -8.91 -19.25
CA GLU A 18 1.85 -8.14 -18.53
C GLU A 18 1.57 -6.64 -18.56
N PHE A 19 1.02 -6.11 -19.66
CA PHE A 19 0.77 -4.69 -19.77
C PHE A 19 -0.72 -4.37 -19.83
N SER A 20 -1.56 -5.27 -19.33
CA SER A 20 -3.00 -5.05 -19.34
C SER A 20 -3.34 -3.72 -18.68
N HIS A 21 -4.35 -3.04 -19.23
CA HIS A 21 -4.81 -1.81 -18.60
C HIS A 21 -5.78 -2.09 -17.46
N ASP A 22 -6.16 -3.35 -17.25
CA ASP A 22 -7.14 -3.71 -16.22
C ASP A 22 -6.61 -4.89 -15.42
N LYS A 23 -5.45 -4.70 -14.79
CA LYS A 23 -4.80 -5.77 -14.04
C LYS A 23 -5.61 -6.21 -12.82
N TYR A 24 -6.49 -5.36 -12.30
CA TYR A 24 -7.28 -5.70 -11.12
C TYR A 24 -8.72 -6.06 -11.48
N ASN A 25 -8.95 -6.40 -12.75
CA ASN A 25 -10.28 -6.78 -13.23
C ASN A 25 -10.93 -7.82 -12.33
N LEU A 26 -10.29 -8.98 -12.20
CA LEU A 26 -10.87 -10.07 -11.42
C LEU A 26 -10.83 -9.78 -9.93
N LEU A 27 -9.79 -9.05 -9.49
CA LEU A 27 -9.72 -8.67 -8.08
C LEU A 27 -10.96 -7.91 -7.65
N PHE A 28 -11.35 -6.87 -8.39
CA PHE A 28 -12.52 -6.08 -7.97
C PHE A 28 -13.83 -6.78 -8.30
N ALA A 29 -13.89 -7.48 -9.43
CA ALA A 29 -15.11 -8.23 -9.75
C ALA A 29 -15.42 -9.25 -8.66
N GLY A 30 -14.40 -10.00 -8.24
CA GLY A 30 -14.63 -11.01 -7.21
C GLY A 30 -14.82 -10.40 -5.83
N ALA A 31 -14.02 -9.39 -5.49
CA ALA A 31 -14.15 -8.80 -4.15
C ALA A 31 -15.53 -8.19 -3.95
N LYS A 32 -16.04 -7.48 -4.96
CA LYS A 32 -17.38 -6.91 -4.87
C LYS A 32 -18.45 -8.00 -4.85
N TYR A 33 -18.32 -9.00 -5.72
CA TYR A 33 -19.27 -10.10 -5.68
C TYR A 33 -19.29 -10.74 -4.29
N ALA A 34 -18.10 -11.10 -3.77
CA ALA A 34 -18.05 -11.75 -2.46
C ALA A 34 -18.63 -10.86 -1.38
N ASP A 35 -18.32 -9.56 -1.44
CA ASP A 35 -18.83 -8.60 -0.47
C ASP A 35 -20.34 -8.64 -0.39
N GLN A 36 -21.00 -8.83 -1.53
CA GLN A 36 -22.45 -8.75 -1.62
C GLN A 36 -23.14 -10.11 -1.53
N HIS A 37 -22.41 -11.20 -1.34
CA HIS A 37 -23.02 -12.52 -1.30
C HIS A 37 -22.57 -13.32 -0.09
N GLY A 38 -22.37 -12.67 1.05
CA GLY A 38 -22.19 -13.42 2.29
C GLY A 38 -20.83 -14.05 2.49
N PHE A 39 -19.83 -13.61 1.73
CA PHE A 39 -18.48 -14.10 1.95
C PHE A 39 -17.84 -13.34 3.10
N THR A 40 -16.92 -14.02 3.80
CA THR A 40 -16.36 -13.48 5.02
C THR A 40 -15.20 -12.52 4.75
N ALA A 41 -14.25 -12.94 3.91
CA ALA A 41 -13.04 -12.15 3.69
C ALA A 41 -12.58 -12.25 2.25
N VAL A 42 -11.75 -11.31 1.84
CA VAL A 42 -10.92 -11.45 0.65
C VAL A 42 -9.47 -11.37 1.11
N TRP A 43 -8.68 -12.39 0.73
CA TRP A 43 -7.27 -12.50 1.08
C TRP A 43 -6.40 -12.08 -0.11
N ILE A 44 -5.42 -11.23 0.15
CA ILE A 44 -4.50 -10.81 -0.92
C ILE A 44 -3.07 -11.10 -0.51
N PRO A 45 -2.20 -11.40 -1.47
CA PRO A 45 -0.85 -11.92 -1.16
C PRO A 45 0.22 -10.84 -1.15
N GLU A 46 1.45 -11.28 -0.93
CA GLU A 46 2.64 -10.48 -1.21
C GLU A 46 3.57 -11.29 -2.11
N ARG A 47 3.89 -10.75 -3.27
CA ARG A 47 4.77 -11.44 -4.21
C ARG A 47 5.64 -10.41 -4.92
N HIS A 48 6.87 -10.82 -5.26
CA HIS A 48 7.86 -9.90 -5.81
C HIS A 48 8.56 -10.49 -7.02
N PHE A 49 8.80 -9.64 -8.00
CA PHE A 49 9.80 -9.79 -9.07
C PHE A 49 9.34 -10.70 -10.19
N HIS A 50 8.05 -11.02 -10.29
CA HIS A 50 7.53 -11.80 -11.42
C HIS A 50 6.16 -11.28 -11.81
N ALA A 51 5.92 -11.16 -13.13
CA ALA A 51 4.57 -10.80 -13.57
C ALA A 51 3.57 -11.84 -13.10
N PHE A 52 3.94 -13.11 -13.14
CA PHE A 52 3.04 -14.17 -12.74
C PHE A 52 2.75 -14.06 -11.25
N GLY A 53 1.47 -13.88 -10.92
CA GLY A 53 1.07 -13.71 -9.55
C GLY A 53 1.54 -12.42 -8.94
N GLY A 54 1.85 -11.41 -9.73
CA GLY A 54 2.53 -10.24 -9.20
C GLY A 54 1.75 -8.96 -8.98
N PHE A 55 0.40 -8.98 -8.96
CA PHE A 55 -0.30 -7.70 -8.86
C PHE A 55 -0.25 -7.08 -7.47
N SER A 56 0.21 -7.83 -6.46
CA SER A 56 0.25 -7.35 -5.08
C SER A 56 1.64 -7.51 -4.50
N PRO A 57 2.54 -6.57 -4.78
CA PRO A 57 3.84 -6.56 -4.11
C PRO A 57 3.77 -6.11 -2.67
N ASN A 58 2.76 -5.34 -2.28
CA ASN A 58 2.56 -5.00 -0.89
C ASN A 58 1.05 -5.01 -0.68
N PRO A 59 0.53 -5.98 0.07
CA PRO A 59 -0.92 -6.12 0.15
C PRO A 59 -1.61 -4.96 0.81
N SER A 60 -0.92 -4.14 1.60
CA SER A 60 -1.62 -3.00 2.20
C SER A 60 -2.13 -2.05 1.14
N VAL A 61 -1.42 -1.93 0.02
CA VAL A 61 -1.81 -0.94 -0.97
C VAL A 61 -3.08 -1.39 -1.68
N ILE A 62 -3.12 -2.65 -2.09
CA ILE A 62 -4.31 -3.20 -2.71
C ILE A 62 -5.46 -3.21 -1.71
N ALA A 63 -5.17 -3.47 -0.43
CA ALA A 63 -6.23 -3.51 0.58
C ALA A 63 -6.92 -2.17 0.72
N ALA A 64 -6.15 -1.08 0.62
CA ALA A 64 -6.72 0.25 0.74
C ALA A 64 -7.73 0.51 -0.37
N ALA A 65 -7.46 -0.01 -1.57
CA ALA A 65 -8.40 0.15 -2.67
C ALA A 65 -9.63 -0.72 -2.47
N ILE A 66 -9.44 -1.98 -2.04
CA ILE A 66 -10.58 -2.84 -1.78
C ILE A 66 -11.49 -2.23 -0.71
N ALA A 67 -10.90 -1.55 0.27
CA ALA A 67 -11.67 -0.89 1.32
C ALA A 67 -12.69 0.09 0.75
N ARG A 68 -12.35 0.76 -0.35
CA ARG A 68 -13.24 1.77 -0.91
C ARG A 68 -14.21 1.18 -1.91
N GLU A 69 -14.10 -0.10 -2.20
CA GLU A 69 -14.95 -0.77 -3.18
C GLU A 69 -15.90 -1.78 -2.56
N THR A 70 -15.85 -1.97 -1.24
CA THR A 70 -16.61 -2.98 -0.52
C THR A 70 -17.12 -2.39 0.78
N LYS A 71 -18.11 -3.04 1.37
CA LYS A 71 -18.74 -2.49 2.58
C LYS A 71 -18.65 -3.38 3.81
N GLN A 72 -18.72 -4.72 3.67
CA GLN A 72 -18.72 -5.59 4.85
C GLN A 72 -17.58 -6.59 4.90
N ILE A 73 -17.06 -7.01 3.74
CA ILE A 73 -16.12 -8.12 3.70
C ILE A 73 -14.85 -7.76 4.43
N GLN A 74 -14.26 -8.72 5.13
CA GLN A 74 -12.95 -8.50 5.73
C GLN A 74 -11.89 -8.49 4.64
N ILE A 75 -10.81 -7.76 4.90
CA ILE A 75 -9.75 -7.51 3.93
C ILE A 75 -8.47 -7.96 4.59
N ARG A 76 -7.93 -9.08 4.12
CA ARG A 76 -6.89 -9.78 4.87
C ARG A 76 -5.69 -10.07 3.99
N SER A 77 -4.51 -10.17 4.62
CA SER A 77 -3.34 -10.51 3.86
C SER A 77 -2.95 -11.95 4.06
N GLY A 78 -2.78 -12.63 2.95
CA GLY A 78 -2.33 -14.00 2.94
C GLY A 78 -1.14 -14.08 2.00
N SER A 79 -0.03 -13.45 2.35
CA SER A 79 0.36 -13.09 3.69
C SER A 79 1.30 -11.90 3.64
N VAL A 80 1.46 -11.23 4.77
CA VAL A 80 2.49 -10.19 4.88
C VAL A 80 3.77 -10.98 5.22
N VAL A 81 4.78 -10.87 4.37
CA VAL A 81 6.03 -11.59 4.57
C VAL A 81 6.84 -10.70 5.51
N LEU A 82 6.61 -10.88 6.80
CA LEU A 82 7.01 -9.86 7.77
C LEU A 82 8.50 -9.54 7.74
N PRO A 83 9.43 -10.49 7.56
CA PRO A 83 10.85 -10.12 7.49
C PRO A 83 11.23 -9.21 6.33
N LEU A 84 10.36 -9.04 5.33
CA LEU A 84 10.63 -8.10 4.25
C LEU A 84 10.13 -6.69 4.54
N HIS A 85 9.60 -6.44 5.74
CA HIS A 85 9.11 -5.13 6.14
C HIS A 85 9.72 -4.71 7.46
N HIS A 86 9.77 -3.41 7.68
CA HIS A 86 9.87 -2.95 9.04
C HIS A 86 8.53 -3.15 9.73
N PRO A 87 8.48 -3.78 10.90
CA PRO A 87 7.19 -3.96 11.59
C PRO A 87 6.44 -2.65 11.79
N ILE A 88 7.16 -1.53 11.91
CA ILE A 88 6.48 -0.24 12.07
C ILE A 88 5.64 0.08 10.83
N ARG A 89 6.16 -0.17 9.63
CA ARG A 89 5.38 0.10 8.43
C ARG A 89 4.18 -0.81 8.32
N VAL A 90 4.28 -2.06 8.80
CA VAL A 90 3.13 -2.96 8.74
C VAL A 90 1.98 -2.41 9.56
N VAL A 91 2.25 -2.00 10.80
CA VAL A 91 1.19 -1.45 11.63
C VAL A 91 0.65 -0.16 11.04
N GLU A 92 1.56 0.74 10.62
CA GLU A 92 1.15 1.99 10.01
C GLU A 92 0.22 1.75 8.83
N GLU A 93 0.65 0.90 7.89
CA GLU A 93 -0.11 0.78 6.65
C GLU A 93 -1.42 0.05 6.89
N TRP A 94 -1.41 -1.02 7.70
CA TRP A 94 -2.65 -1.74 7.93
C TRP A 94 -3.58 -0.98 8.87
N SER A 95 -3.05 -0.05 9.67
CA SER A 95 -3.93 0.83 10.43
C SER A 95 -4.60 1.84 9.53
N VAL A 96 -3.86 2.37 8.54
CA VAL A 96 -4.51 3.19 7.51
C VAL A 96 -5.67 2.42 6.91
N VAL A 97 -5.44 1.17 6.49
CA VAL A 97 -6.51 0.40 5.86
C VAL A 97 -7.64 0.11 6.86
N ASP A 98 -7.28 -0.14 8.14
CA ASP A 98 -8.30 -0.34 9.15
C ASP A 98 -9.21 0.87 9.26
N ASN A 99 -8.64 2.07 9.15
CA ASN A 99 -9.43 3.29 9.20
C ASN A 99 -10.23 3.48 7.91
N LEU A 100 -9.61 3.22 6.76
CA LEU A 100 -10.31 3.37 5.48
C LEU A 100 -11.45 2.40 5.32
N SER A 101 -11.42 1.29 6.05
CA SER A 101 -12.40 0.22 5.90
C SER A 101 -13.35 0.13 7.09
N GLN A 102 -13.24 1.03 8.07
CA GLN A 102 -14.09 0.96 9.27
C GLN A 102 -13.92 -0.37 10.01
N GLY A 103 -12.65 -0.80 10.15
CA GLY A 103 -12.35 -1.91 11.04
C GLY A 103 -12.44 -3.30 10.46
N ARG A 104 -12.06 -3.47 9.20
CA ARG A 104 -12.26 -4.75 8.53
C ARG A 104 -10.97 -5.45 8.13
N VAL A 105 -9.81 -5.13 8.72
CA VAL A 105 -8.56 -5.75 8.28
C VAL A 105 -8.21 -6.97 9.14
N GLY A 106 -7.40 -7.84 8.56
CA GLY A 106 -6.74 -8.91 9.29
C GLY A 106 -5.47 -9.26 8.56
N ILE A 107 -4.50 -9.84 9.28
CA ILE A 107 -3.20 -10.14 8.70
C ILE A 107 -2.77 -11.55 9.06
N SER A 108 -2.40 -12.34 8.06
CA SER A 108 -1.59 -13.54 8.29
C SER A 108 -0.13 -13.22 8.01
N PHE A 109 0.76 -13.68 8.90
CA PHE A 109 2.17 -13.41 8.79
C PHE A 109 2.92 -14.64 8.28
N ALA A 110 3.79 -14.42 7.31
CA ALA A 110 4.69 -15.44 6.80
C ALA A 110 6.14 -15.04 7.02
N SER A 111 7.02 -16.03 7.03
CA SER A 111 8.43 -15.73 7.29
C SER A 111 9.23 -15.56 6.00
N GLY A 112 8.69 -15.98 4.86
CA GLY A 112 9.47 -16.04 3.64
C GLY A 112 10.31 -17.31 3.58
N TRP A 113 10.82 -17.58 2.38
CA TRP A 113 11.62 -18.78 2.16
C TRP A 113 12.55 -18.64 0.96
N ASN A 114 12.20 -17.76 0.01
CA ASN A 114 12.97 -17.60 -1.20
C ASN A 114 14.00 -16.49 -0.99
N PRO A 115 15.31 -16.80 -1.01
CA PRO A 115 16.31 -15.73 -0.76
C PRO A 115 16.22 -14.59 -1.76
N ASN A 116 15.64 -14.81 -2.94
CA ASN A 116 15.51 -13.74 -3.90
C ASN A 116 14.58 -12.63 -3.40
N ASP A 117 13.53 -12.99 -2.66
CA ASP A 117 12.66 -11.97 -2.07
C ASP A 117 13.42 -11.12 -1.09
N PHE A 118 14.42 -11.71 -0.44
CA PHE A 118 15.17 -10.99 0.57
C PHE A 118 16.20 -10.03 -0.03
N ALA A 119 16.16 -9.80 -1.34
CA ALA A 119 16.75 -8.57 -1.88
C ALA A 119 16.19 -7.35 -1.14
N LEU A 120 14.94 -7.42 -0.67
CA LEU A 120 14.34 -6.34 0.10
C LEU A 120 14.82 -6.26 1.54
N ALA A 121 15.48 -7.31 2.04
CA ALA A 121 15.96 -7.36 3.42
C ALA A 121 17.18 -8.27 3.45
N PRO A 122 18.30 -7.80 2.91
CA PRO A 122 19.42 -8.72 2.62
C PRO A 122 20.14 -9.23 3.86
N GLN A 123 19.95 -8.61 5.01
CA GLN A 123 20.54 -9.11 6.24
C GLN A 123 19.55 -9.93 7.06
N SER A 124 18.34 -10.16 6.54
CA SER A 124 17.30 -10.80 7.32
C SER A 124 17.01 -12.24 6.92
N PHE A 125 17.78 -12.83 5.99
CA PHE A 125 17.55 -14.21 5.58
C PHE A 125 18.41 -15.16 6.40
N GLY A 126 17.79 -16.16 6.99
CA GLY A 126 18.48 -17.08 7.87
C GLY A 126 17.81 -17.08 9.23
N ASN A 127 17.64 -15.89 9.79
CA ASN A 127 16.91 -15.67 11.04
C ASN A 127 15.45 -15.26 10.79
N HIS A 128 14.92 -15.50 9.59
CA HIS A 128 13.65 -14.89 9.23
C HIS A 128 12.48 -15.49 10.01
N ARG A 129 12.56 -16.75 10.44
CA ARG A 129 11.44 -17.29 11.19
C ARG A 129 11.34 -16.65 12.56
N GLU A 130 12.47 -16.47 13.25
CA GLU A 130 12.45 -15.77 14.53
C GLU A 130 12.20 -14.27 14.35
N LEU A 131 12.76 -13.67 13.30
CA LEU A 131 12.44 -12.29 12.99
C LEU A 131 10.94 -12.09 12.85
N MET A 132 10.26 -13.04 12.19
CA MET A 132 8.81 -12.94 12.05
C MET A 132 8.12 -12.94 13.41
N PHE A 133 8.44 -13.91 14.27
CA PHE A 133 7.74 -13.99 15.54
C PHE A 133 8.03 -12.76 16.39
N GLN A 134 9.28 -12.32 16.42
CA GLN A 134 9.60 -11.09 17.13
C GLN A 134 8.83 -9.91 16.55
N GLY A 135 8.73 -9.86 15.21
CA GLY A 135 8.01 -8.77 14.57
C GLY A 135 6.52 -8.79 14.82
N ILE A 136 5.93 -9.97 14.96
CA ILE A 136 4.49 -10.04 15.26
C ILE A 136 4.21 -9.41 16.61
N GLU A 137 5.09 -9.68 17.59
CA GLU A 137 4.91 -9.07 18.89
C GLU A 137 5.02 -7.55 18.82
N THR A 138 5.97 -7.04 18.02
CA THR A 138 6.10 -5.60 17.84
C THR A 138 4.87 -5.02 17.17
N VAL A 139 4.37 -5.69 16.13
CA VAL A 139 3.16 -5.25 15.45
C VAL A 139 2.01 -5.16 16.44
N ARG A 140 1.84 -6.20 17.26
CA ARG A 140 0.74 -6.22 18.23
C ARG A 140 0.88 -5.10 19.25
N LYS A 141 2.07 -4.91 19.82
CA LYS A 141 2.28 -3.84 20.77
C LYS A 141 1.92 -2.49 20.16
N LEU A 142 2.42 -2.22 18.95
CA LEU A 142 2.13 -0.96 18.27
C LEU A 142 0.65 -0.82 17.97
N TRP A 143 -0.01 -1.89 17.51
CA TRP A 143 -1.44 -1.83 17.24
C TRP A 143 -2.22 -1.42 18.48
N ARG A 144 -1.81 -1.93 19.63
CA ARG A 144 -2.45 -1.65 20.91
C ARG A 144 -2.07 -0.29 21.47
N GLY A 145 -1.35 0.54 20.72
CA GLY A 145 -1.03 1.88 21.17
C GLY A 145 0.17 1.99 22.09
N GLU A 146 0.91 0.90 22.30
CA GLU A 146 2.11 0.98 23.11
C GLU A 146 3.21 1.74 22.38
N PHE A 147 4.12 2.31 23.17
CA PHE A 147 5.40 2.78 22.67
C PHE A 147 6.37 1.61 22.58
N ILE A 148 7.23 1.65 21.55
CA ILE A 148 8.33 0.70 21.44
C ILE A 148 9.63 1.47 21.38
N GLN A 149 10.71 0.79 21.76
CA GLN A 149 12.04 1.38 21.75
C GLN A 149 12.76 0.96 20.46
N VAL A 150 13.30 1.94 19.74
CA VAL A 150 14.00 1.72 18.48
C VAL A 150 15.18 2.68 18.38
N GLN A 151 16.21 2.28 17.64
CA GLN A 151 17.34 3.15 17.39
C GLN A 151 17.02 4.09 16.23
N ASN A 152 17.33 5.37 16.40
CA ASN A 152 17.08 6.35 15.35
C ASN A 152 18.35 6.47 14.48
N GLY A 153 18.38 7.46 13.59
CA GLY A 153 19.41 7.51 12.57
C GLY A 153 20.79 7.90 13.09
N VAL A 154 20.90 8.31 14.35
CA VAL A 154 22.18 8.67 14.95
C VAL A 154 22.51 7.79 16.14
N GLY A 155 21.89 6.62 16.23
CA GLY A 155 22.20 5.62 17.22
C GLY A 155 21.55 5.82 18.57
N LYS A 156 20.67 6.80 18.72
CA LYS A 156 20.01 7.07 19.98
C LYS A 156 18.74 6.24 20.09
N SER A 157 18.53 5.62 21.25
CA SER A 157 17.30 4.90 21.50
C SER A 157 16.16 5.90 21.68
N ILE A 158 15.04 5.65 20.99
CA ILE A 158 13.86 6.49 21.11
C ILE A 158 12.63 5.62 21.30
N SER A 159 11.57 6.25 21.79
CA SER A 159 10.30 5.59 22.10
C SER A 159 9.23 6.17 21.19
N VAL A 160 8.62 5.33 20.36
CA VAL A 160 7.68 5.78 19.33
C VAL A 160 6.40 4.97 19.39
N GLN A 161 5.29 5.64 19.03
CA GLN A 161 4.03 5.01 18.68
C GLN A 161 3.85 5.08 17.17
N ALA A 162 3.01 4.20 16.65
CA ALA A 162 2.61 4.23 15.25
C ALA A 162 1.27 4.93 15.07
N PHE A 163 1.14 5.67 13.97
CA PHE A 163 -0.08 6.38 13.60
C PHE A 163 -0.44 6.10 12.15
N PRO A 164 -1.73 6.18 11.79
CA PRO A 164 -2.86 6.51 12.66
C PRO A 164 -3.19 5.38 13.64
N ARG A 165 -3.95 5.72 14.67
CA ARG A 165 -4.41 4.69 15.58
C ARG A 165 -5.49 3.87 14.88
N PRO A 166 -5.50 2.56 15.08
CA PRO A 166 -6.48 1.71 14.38
C PRO A 166 -7.88 1.89 14.96
N MET A 167 -8.85 1.33 14.23
CA MET A 167 -10.23 1.29 14.70
C MET A 167 -10.51 0.05 15.55
N GLN A 168 -9.97 -1.11 15.15
CA GLN A 168 -10.09 -2.33 15.94
C GLN A 168 -9.14 -2.29 17.14
N ALA A 169 -9.67 -2.60 18.32
CA ALA A 169 -8.83 -2.68 19.52
C ALA A 169 -7.65 -3.63 19.33
N GLU A 170 -7.90 -4.80 18.77
CA GLU A 170 -6.89 -5.82 18.57
C GLU A 170 -6.86 -6.24 17.10
N LEU A 171 -5.67 -6.49 16.61
CA LEU A 171 -5.50 -6.92 15.23
C LEU A 171 -5.89 -8.39 15.08
N PRO A 172 -6.81 -8.75 14.18
CA PRO A 172 -7.03 -10.16 13.89
C PRO A 172 -5.82 -10.70 13.13
N ASP A 173 -5.14 -11.71 13.68
CA ASP A 173 -3.93 -12.17 13.00
C ASP A 173 -3.87 -13.70 12.96
N TRP A 174 -3.05 -14.17 12.01
CA TRP A 174 -2.83 -15.58 11.72
C TRP A 174 -1.33 -15.77 11.50
N ILE A 175 -0.89 -17.03 11.66
CA ILE A 175 0.43 -17.48 11.25
C ILE A 175 0.28 -18.37 10.04
N THR A 176 1.03 -18.07 8.97
CA THR A 176 1.00 -18.92 7.78
C THR A 176 1.88 -20.13 8.01
N VAL A 177 1.35 -21.31 7.72
CA VAL A 177 2.00 -22.58 8.09
C VAL A 177 1.62 -23.62 7.06
N VAL A 178 2.51 -24.60 6.86
CA VAL A 178 2.13 -25.79 6.09
C VAL A 178 1.88 -26.94 7.06
N ASN A 179 2.89 -27.79 7.29
CA ASN A 179 2.67 -28.99 8.09
C ASN A 179 3.58 -29.05 9.32
N ASN A 180 4.30 -28.00 9.64
CA ASN A 180 5.18 -28.02 10.80
C ASN A 180 4.39 -27.95 12.09
N PRO A 181 4.33 -29.02 12.89
CA PRO A 181 3.46 -29.01 14.08
C PRO A 181 3.85 -27.98 15.11
N GLU A 182 5.14 -27.63 15.23
CA GLU A 182 5.52 -26.68 16.25
C GLU A 182 5.00 -25.28 15.93
N THR A 183 4.84 -24.96 14.65
CA THR A 183 4.25 -23.67 14.27
C THR A 183 2.78 -23.61 14.64
N TYR A 184 2.04 -24.71 14.45
CA TYR A 184 0.67 -24.76 14.94
C TYR A 184 0.62 -24.56 16.45
N ILE A 185 1.54 -25.18 17.19
CA ILE A 185 1.57 -25.01 18.63
C ILE A 185 1.98 -23.58 18.99
N LYS A 186 2.96 -23.04 18.28
CA LYS A 186 3.38 -21.65 18.47
C LYS A 186 2.22 -20.69 18.25
N ALA A 187 1.43 -20.93 17.21
CA ALA A 187 0.29 -20.05 16.96
C ALA A 187 -0.69 -20.09 18.13
N GLY A 188 -0.90 -21.28 18.71
CA GLY A 188 -1.81 -21.39 19.85
C GLY A 188 -1.27 -20.67 21.07
N GLU A 189 0.05 -20.70 21.26
CA GLU A 189 0.67 -19.98 22.37
C GLU A 189 0.43 -18.49 22.25
N MET A 190 0.44 -17.96 21.02
CA MET A 190 0.22 -16.55 20.76
C MET A 190 -1.24 -16.19 20.59
N GLY A 191 -2.14 -17.18 20.63
CA GLY A 191 -3.53 -16.88 20.40
C GLY A 191 -3.83 -16.49 18.98
N SER A 192 -2.88 -16.69 18.07
CA SER A 192 -3.05 -16.33 16.68
C SER A 192 -3.83 -17.43 15.95
N GLY A 193 -4.33 -17.09 14.76
CA GLY A 193 -4.88 -18.07 13.86
C GLY A 193 -3.80 -18.83 13.11
N VAL A 194 -4.24 -19.79 12.29
CA VAL A 194 -3.34 -20.48 11.37
C VAL A 194 -3.96 -20.43 9.97
N LEU A 195 -3.12 -20.11 8.99
CA LEU A 195 -3.50 -20.08 7.58
C LEU A 195 -2.66 -21.13 6.86
N THR A 196 -3.31 -22.11 6.26
CA THR A 196 -2.57 -23.24 5.71
C THR A 196 -3.18 -23.66 4.37
N ASN A 197 -2.71 -24.78 3.82
CA ASN A 197 -3.16 -25.24 2.53
C ASN A 197 -3.06 -26.75 2.47
N LEU A 198 -3.53 -27.34 1.36
CA LEU A 198 -3.48 -28.79 1.16
C LEU A 198 -2.65 -29.16 -0.06
N MET A 199 -1.82 -28.23 -0.57
CA MET A 199 -0.91 -28.59 -1.64
C MET A 199 0.20 -29.51 -1.16
N GLY A 200 0.47 -29.51 0.14
CA GLY A 200 1.59 -30.23 0.70
C GLY A 200 1.29 -30.81 2.07
N GLN A 201 0.08 -31.33 2.23
CA GLN A 201 -0.28 -32.13 3.39
C GLN A 201 -1.67 -32.70 3.17
N SER A 202 -1.98 -33.75 3.90
CA SER A 202 -3.26 -34.44 3.82
C SER A 202 -4.28 -33.83 4.77
N ILE A 203 -5.54 -34.19 4.57
CA ILE A 203 -6.59 -33.72 5.48
C ILE A 203 -6.41 -34.35 6.86
N GLU A 204 -5.88 -35.57 6.93
CA GLU A 204 -5.60 -36.16 8.23
C GLU A 204 -4.38 -35.49 8.88
N ASP A 205 -3.34 -35.20 8.08
CA ASP A 205 -2.23 -34.39 8.57
C ASP A 205 -2.72 -33.04 9.08
N LEU A 206 -3.59 -32.39 8.30
CA LEU A 206 -4.18 -31.13 8.74
C LEU A 206 -5.01 -31.34 10.01
N ALA A 207 -5.80 -32.42 10.05
CA ALA A 207 -6.60 -32.68 11.24
C ALA A 207 -5.72 -32.82 12.47
N GLU A 208 -4.57 -33.48 12.31
CA GLU A 208 -3.64 -33.64 13.43
C GLU A 208 -3.05 -32.30 13.83
N ASN A 209 -2.57 -31.52 12.85
CA ASN A 209 -2.02 -30.20 13.13
C ASN A 209 -3.06 -29.27 13.76
N ILE A 210 -4.31 -29.36 13.31
CA ILE A 210 -5.36 -28.54 13.90
C ILE A 210 -5.54 -28.91 15.36
N ALA A 211 -5.45 -30.20 15.69
CA ALA A 211 -5.68 -30.63 17.07
C ALA A 211 -4.61 -30.09 18.00
N LEU A 212 -3.34 -30.17 17.58
CA LEU A 212 -2.26 -29.58 18.37
C LEU A 212 -2.50 -28.09 18.58
N TYR A 213 -2.96 -27.39 17.53
CA TYR A 213 -3.17 -25.95 17.63
C TYR A 213 -4.24 -25.62 18.65
N ARG A 214 -5.39 -26.30 18.58
CA ARG A 214 -6.47 -26.01 19.53
C ARG A 214 -6.08 -26.41 20.94
N GLU A 215 -5.29 -27.48 21.08
CA GLU A 215 -4.81 -27.91 22.39
C GLU A 215 -3.86 -26.88 22.98
N SER A 216 -2.94 -26.37 22.17
CA SER A 216 -2.01 -25.34 22.64
C SER A 216 -2.73 -24.05 23.02
N LEU A 217 -3.86 -23.76 22.36
CA LEU A 217 -4.61 -22.54 22.64
C LEU A 217 -5.14 -22.51 24.07
N GLU A 218 -5.89 -23.55 24.45
CA GLU A 218 -6.44 -23.59 25.80
C GLU A 218 -5.36 -23.77 26.85
N LYS A 219 -4.31 -24.53 26.53
CA LYS A 219 -3.16 -24.64 27.41
C LYS A 219 -2.66 -23.28 27.85
N HIS A 220 -2.62 -22.31 26.92
CA HIS A 220 -2.07 -21.00 27.21
C HIS A 220 -3.15 -19.96 27.54
N GLY A 221 -4.36 -20.40 27.85
CA GLY A 221 -5.36 -19.52 28.42
C GLY A 221 -6.32 -18.89 27.44
N TYR A 222 -6.29 -19.30 26.18
CA TYR A 222 -7.22 -18.76 25.20
C TYR A 222 -8.46 -19.64 25.10
N ASN A 223 -9.59 -18.99 24.88
CA ASN A 223 -10.82 -19.71 24.59
C ASN A 223 -10.66 -20.47 23.28
N PRO A 224 -11.00 -21.76 23.23
CA PRO A 224 -11.02 -22.47 21.94
C PRO A 224 -11.85 -21.78 20.87
N ALA A 225 -12.88 -21.02 21.26
CA ALA A 225 -13.69 -20.28 20.30
C ALA A 225 -12.96 -19.08 19.71
N SER A 226 -11.82 -18.70 20.29
CA SER A 226 -10.98 -17.65 19.72
C SER A 226 -10.05 -18.17 18.63
N GLY A 227 -9.94 -19.49 18.47
CA GLY A 227 -9.08 -20.04 17.44
C GLY A 227 -9.61 -19.75 16.05
N LYS A 228 -8.68 -19.58 15.11
CA LYS A 228 -9.02 -19.29 13.71
C LYS A 228 -8.21 -20.24 12.82
N VAL A 229 -8.90 -21.14 12.13
CA VAL A 229 -8.27 -22.07 11.21
C VAL A 229 -8.78 -21.76 9.81
N THR A 230 -7.88 -21.30 8.94
CA THR A 230 -8.23 -20.92 7.57
C THR A 230 -7.42 -21.77 6.60
N VAL A 231 -8.08 -22.36 5.61
CA VAL A 231 -7.41 -23.23 4.65
C VAL A 231 -7.60 -22.65 3.24
N LEU A 232 -6.49 -22.38 2.58
CA LEU A 232 -6.51 -22.03 1.16
C LEU A 232 -6.87 -23.25 0.33
N LEU A 233 -7.82 -23.08 -0.59
CA LEU A 233 -8.25 -24.16 -1.47
C LEU A 233 -8.36 -23.66 -2.91
N HIS A 234 -7.74 -24.39 -3.84
CA HIS A 234 -7.95 -24.06 -5.24
C HIS A 234 -9.41 -24.27 -5.60
N THR A 235 -10.02 -23.26 -6.24
CA THR A 235 -11.47 -23.22 -6.37
C THR A 235 -11.90 -22.85 -7.78
N PHE A 236 -12.77 -23.68 -8.35
CA PHE A 236 -13.43 -23.40 -9.63
C PHE A 236 -14.65 -24.32 -9.66
N VAL A 237 -15.82 -23.75 -9.45
CA VAL A 237 -17.06 -24.50 -9.28
C VAL A 237 -17.92 -24.29 -10.51
N GLY A 238 -18.63 -25.35 -10.93
CA GLY A 238 -19.44 -25.31 -12.12
C GLY A 238 -20.58 -26.31 -12.01
N GLN A 239 -21.44 -26.30 -13.02
CA GLN A 239 -22.60 -27.19 -12.98
C GLN A 239 -22.30 -28.58 -13.49
N ASP A 240 -21.34 -28.72 -14.42
CA ASP A 240 -20.96 -30.02 -14.95
C ASP A 240 -19.62 -30.43 -14.35
N LEU A 241 -19.63 -31.54 -13.61
CA LEU A 241 -18.44 -32.01 -12.91
C LEU A 241 -17.26 -32.20 -13.86
N GLU A 242 -17.46 -33.00 -14.92
CA GLU A 242 -16.34 -33.31 -15.82
C GLU A 242 -15.84 -32.06 -16.54
N GLN A 243 -16.76 -31.24 -17.05
CA GLN A 243 -16.33 -30.06 -17.80
C GLN A 243 -15.59 -29.08 -16.91
N THR A 244 -16.04 -28.96 -15.65
CA THR A 244 -15.44 -28.01 -14.72
C THR A 244 -14.01 -28.39 -14.39
N ARG A 245 -13.79 -29.68 -14.12
CA ARG A 245 -12.43 -30.13 -13.83
C ARG A 245 -11.54 -30.06 -15.06
N GLU A 246 -12.10 -30.26 -16.25
CA GLU A 246 -11.28 -30.14 -17.46
C GLU A 246 -10.88 -28.69 -17.70
N ILE A 247 -11.77 -27.73 -17.40
CA ILE A 247 -11.43 -26.32 -17.61
C ILE A 247 -10.27 -25.91 -16.71
N ALA A 248 -10.29 -26.38 -15.45
CA ALA A 248 -9.26 -26.01 -14.48
C ALA A 248 -7.96 -26.79 -14.65
N ARG A 249 -7.95 -27.86 -15.46
CA ARG A 249 -6.84 -28.81 -15.43
C ARG A 249 -5.54 -28.18 -15.92
N GLN A 250 -5.51 -27.72 -17.17
CA GLN A 250 -4.27 -27.14 -17.69
C GLN A 250 -3.78 -25.95 -16.87
N PRO A 251 -4.64 -24.98 -16.48
CA PRO A 251 -4.12 -23.88 -15.65
C PRO A 251 -3.54 -24.34 -14.33
N LEU A 252 -4.24 -25.20 -13.60
CA LEU A 252 -3.74 -25.64 -12.30
C LEU A 252 -2.49 -26.50 -12.46
N CYS A 253 -2.49 -27.42 -13.43
CA CYS A 253 -1.34 -28.30 -13.59
C CYS A 253 -0.10 -27.53 -14.04
N ASP A 254 -0.28 -26.52 -14.88
CA ASP A 254 0.84 -25.64 -15.23
C ASP A 254 1.47 -25.06 -13.97
N TYR A 255 0.63 -24.61 -13.02
CA TYR A 255 1.16 -24.06 -11.79
C TYR A 255 1.82 -25.14 -10.93
N LEU A 256 1.15 -26.28 -10.75
CA LEU A 256 1.65 -27.35 -9.89
C LEU A 256 2.92 -28.00 -10.40
N LYS A 257 3.29 -27.79 -11.66
CA LYS A 257 4.57 -28.31 -12.15
C LYS A 257 5.54 -27.19 -12.50
N SER A 258 5.27 -25.97 -12.07
CA SER A 258 6.13 -24.84 -12.35
C SER A 258 7.38 -24.79 -11.47
N SER A 259 7.53 -25.71 -10.52
CA SER A 259 8.74 -25.81 -9.72
C SER A 259 8.88 -27.24 -9.22
N VAL A 260 10.11 -27.65 -8.94
CA VAL A 260 10.34 -29.00 -8.46
C VAL A 260 9.60 -29.24 -7.15
N ALA A 261 9.66 -28.26 -6.24
CA ALA A 261 9.02 -28.43 -4.94
C ALA A 261 7.50 -28.55 -5.07
N LEU A 262 6.89 -27.69 -5.89
CA LEU A 262 5.45 -27.78 -6.08
C LEU A 262 5.06 -29.15 -6.62
N PHE A 263 5.79 -29.63 -7.64
CA PHE A 263 5.44 -30.90 -8.26
C PHE A 263 5.69 -32.06 -7.30
N GLN A 264 6.85 -32.08 -6.64
CA GLN A 264 7.15 -33.25 -5.82
C GLN A 264 6.30 -33.27 -4.57
N ASN A 265 6.01 -32.10 -3.99
CA ASN A 265 5.14 -32.06 -2.82
C ASN A 265 3.72 -32.47 -3.17
N LEU A 266 3.28 -32.18 -4.38
CA LEU A 266 1.95 -32.62 -4.82
C LEU A 266 1.91 -34.13 -4.97
N VAL A 267 2.88 -34.69 -5.71
CA VAL A 267 2.95 -36.14 -5.90
C VAL A 267 2.99 -36.85 -4.56
N LYS A 268 3.78 -36.33 -3.62
CA LYS A 268 3.91 -36.96 -2.32
C LYS A 268 2.62 -36.87 -1.53
N SER A 269 2.00 -35.68 -1.50
CA SER A 269 0.79 -35.51 -0.70
C SER A 269 -0.37 -36.36 -1.25
N GLN A 270 -0.35 -36.67 -2.54
CA GLN A 270 -1.42 -37.48 -3.13
C GLN A 270 -1.09 -38.98 -3.12
N GLY A 271 -0.04 -39.39 -2.41
CA GLY A 271 0.19 -40.80 -2.19
C GLY A 271 0.67 -41.59 -3.39
N LEU A 272 1.36 -40.95 -4.32
CA LEU A 272 1.85 -41.59 -5.52
C LEU A 272 3.33 -41.93 -5.36
N GLN A 273 3.70 -43.12 -5.85
CA GLN A 273 5.07 -43.60 -5.80
C GLN A 273 5.77 -43.27 -7.12
N VAL A 274 6.81 -42.43 -7.05
CA VAL A 274 7.51 -41.97 -8.25
C VAL A 274 9.00 -41.91 -7.94
N ASP A 275 9.81 -42.47 -8.82
CA ASP A 275 11.26 -42.24 -8.80
C ASP A 275 11.50 -41.00 -9.64
N PHE A 276 11.72 -39.86 -8.98
CA PHE A 276 11.82 -38.60 -9.71
C PHE A 276 13.07 -38.55 -10.59
N ASP A 277 14.09 -39.36 -10.28
CA ASP A 277 15.31 -39.32 -11.07
C ASP A 277 15.17 -40.06 -12.40
N GLN A 278 14.23 -41.02 -12.49
CA GLN A 278 13.96 -41.73 -13.74
C GLN A 278 12.74 -41.22 -14.47
N MET A 279 12.01 -40.26 -13.90
CA MET A 279 10.73 -39.84 -14.47
C MET A 279 10.96 -39.07 -15.76
N THR A 280 10.44 -39.60 -16.87
CA THR A 280 10.57 -38.96 -18.16
C THR A 280 9.49 -37.87 -18.33
N ALA A 281 9.56 -37.17 -19.46
CA ALA A 281 8.56 -36.14 -19.75
C ALA A 281 7.18 -36.77 -19.94
N ASP A 282 7.12 -37.91 -20.64
CA ASP A 282 5.83 -38.59 -20.81
C ASP A 282 5.35 -39.15 -19.48
N ASP A 283 6.27 -39.67 -18.67
CA ASP A 283 5.91 -40.15 -17.33
C ASP A 283 5.22 -39.06 -16.53
N GLN A 284 5.81 -37.85 -16.51
CA GLN A 284 5.24 -36.76 -15.73
C GLN A 284 3.83 -36.42 -16.19
N ASP A 285 3.58 -36.50 -17.49
CA ASP A 285 2.22 -36.31 -17.99
C ASP A 285 1.23 -37.21 -17.27
N TYR A 286 1.55 -38.51 -17.18
CA TYR A 286 0.62 -39.44 -16.54
C TYR A 286 0.58 -39.24 -15.03
N ILE A 287 1.72 -38.92 -14.42
CA ILE A 287 1.78 -38.73 -12.98
C ILE A 287 1.03 -37.48 -12.58
N LEU A 288 1.28 -36.38 -13.29
CA LEU A 288 0.62 -35.11 -12.96
C LEU A 288 -0.89 -35.22 -13.16
N SER A 289 -1.31 -35.93 -14.20
CA SER A 289 -2.75 -36.13 -14.41
C SER A 289 -3.36 -36.90 -13.25
N ALA A 290 -2.69 -37.96 -12.79
CA ALA A 290 -3.17 -38.72 -11.64
C ALA A 290 -3.18 -37.88 -10.37
N ALA A 291 -2.10 -37.13 -10.13
CA ALA A 291 -2.03 -36.28 -8.95
C ALA A 291 -3.13 -35.23 -8.97
N TYR A 292 -3.35 -34.60 -10.13
CA TYR A 292 -4.46 -33.66 -10.27
C TYR A 292 -5.78 -34.32 -9.97
N ASN A 293 -6.01 -35.51 -10.54
CA ASN A 293 -7.30 -36.18 -10.35
C ASN A 293 -7.55 -36.47 -8.87
N ARG A 294 -6.52 -36.90 -8.13
CA ARG A 294 -6.66 -37.13 -6.70
C ARG A 294 -6.87 -35.83 -5.94
N TYR A 295 -6.17 -34.79 -6.37
CA TYR A 295 -6.19 -33.51 -5.68
C TYR A 295 -7.56 -32.87 -5.75
N VAL A 296 -8.18 -32.84 -6.95
CA VAL A 296 -9.49 -32.20 -7.06
C VAL A 296 -10.56 -33.06 -6.40
N GLN A 297 -10.34 -34.37 -6.30
CA GLN A 297 -11.34 -35.19 -5.62
C GLN A 297 -11.36 -34.92 -4.13
N SER A 298 -10.21 -34.64 -3.52
CA SER A 298 -10.06 -34.72 -2.07
C SER A 298 -9.66 -33.42 -1.40
N SER A 299 -8.96 -32.51 -2.09
CA SER A 299 -8.21 -31.45 -1.42
C SER A 299 -8.39 -30.10 -2.08
N ALA A 300 -9.43 -29.92 -2.88
CA ALA A 300 -9.69 -28.64 -3.52
C ALA A 300 -11.21 -28.48 -3.63
N LEU A 301 -11.61 -27.35 -4.20
CA LEU A 301 -13.01 -27.07 -4.52
C LEU A 301 -13.13 -26.87 -6.03
N ILE A 302 -12.90 -27.95 -6.78
CA ILE A 302 -12.96 -27.90 -8.23
C ILE A 302 -13.94 -29.00 -8.62
N GLY A 303 -15.15 -28.59 -9.02
CA GLY A 303 -16.23 -29.53 -9.32
C GLY A 303 -17.58 -28.85 -9.20
N THR A 304 -18.59 -29.58 -8.76
CA THR A 304 -19.93 -29.03 -8.63
C THR A 304 -20.18 -28.59 -7.20
N PRO A 305 -21.23 -27.78 -6.97
CA PRO A 305 -21.57 -27.49 -5.57
C PRO A 305 -21.76 -28.74 -4.74
N ALA A 306 -22.37 -29.78 -5.33
CA ALA A 306 -22.60 -31.01 -4.58
C ALA A 306 -21.29 -31.72 -4.26
N SER A 307 -20.42 -31.88 -5.26
CA SER A 307 -19.17 -32.59 -5.05
C SER A 307 -18.26 -31.82 -4.09
N CYS A 308 -18.16 -30.50 -4.27
CA CYS A 308 -17.31 -29.71 -3.38
C CYS A 308 -17.84 -29.67 -1.96
N ALA A 309 -19.16 -29.74 -1.78
CA ALA A 309 -19.73 -29.68 -0.44
C ALA A 309 -19.28 -30.87 0.40
N GLU A 310 -18.97 -32.01 -0.25
CA GLU A 310 -18.39 -33.13 0.47
C GLU A 310 -17.03 -32.77 1.04
N VAL A 311 -16.22 -32.01 0.29
CA VAL A 311 -14.93 -31.58 0.78
C VAL A 311 -15.10 -30.63 1.96
N ILE A 312 -16.02 -29.66 1.84
CA ILE A 312 -16.28 -28.73 2.94
C ILE A 312 -16.70 -29.49 4.20
N ALA A 313 -17.51 -30.54 4.05
CA ALA A 313 -17.97 -31.29 5.21
C ALA A 313 -16.81 -31.95 5.95
N LYS A 314 -15.86 -32.51 5.21
CA LYS A 314 -14.70 -33.13 5.84
C LYS A 314 -13.85 -32.10 6.55
N LEU A 315 -13.74 -30.91 5.96
CA LEU A 315 -12.97 -29.84 6.61
C LEU A 315 -13.66 -29.33 7.85
N GLN A 316 -14.98 -29.13 7.78
CA GLN A 316 -15.72 -28.69 8.96
C GLN A 316 -15.54 -29.67 10.11
N ALA A 317 -15.52 -30.97 9.81
CA ALA A 317 -15.43 -31.98 10.86
C ALA A 317 -14.10 -31.95 11.58
N ILE A 318 -13.02 -31.63 10.88
CA ILE A 318 -11.69 -31.64 11.51
C ILE A 318 -11.36 -30.26 12.09
N GLY A 319 -12.31 -29.33 12.05
CA GLY A 319 -12.19 -28.08 12.78
C GLY A 319 -11.76 -26.86 11.99
N VAL A 320 -11.95 -26.86 10.67
CA VAL A 320 -11.63 -25.69 9.84
C VAL A 320 -12.74 -24.67 10.00
N ASP A 321 -12.36 -23.40 10.19
CA ASP A 321 -13.34 -22.34 10.37
C ASP A 321 -13.67 -21.60 9.08
N GLU A 322 -12.73 -21.55 8.15
CA GLU A 322 -12.83 -20.67 7.00
C GLU A 322 -12.10 -21.32 5.83
N VAL A 323 -12.70 -21.32 4.65
CA VAL A 323 -12.01 -21.71 3.43
C VAL A 323 -11.73 -20.46 2.62
N ALA A 324 -10.48 -20.32 2.19
CA ALA A 324 -10.05 -19.17 1.41
C ALA A 324 -9.91 -19.68 -0.03
N CYS A 325 -10.84 -19.29 -0.88
CA CYS A 325 -11.01 -19.93 -2.18
C CYS A 325 -10.13 -19.23 -3.20
N LEU A 326 -9.04 -19.90 -3.60
CA LEU A 326 -8.10 -19.30 -4.55
C LEU A 326 -8.68 -19.46 -5.95
N ILE A 327 -9.12 -18.35 -6.54
CA ILE A 327 -9.90 -18.38 -7.77
C ILE A 327 -9.13 -17.92 -9.00
N ASP A 328 -7.94 -17.33 -8.84
CA ASP A 328 -7.22 -16.78 -9.99
C ASP A 328 -5.94 -17.54 -10.30
N PHE A 329 -6.01 -18.87 -10.40
CA PHE A 329 -4.84 -19.69 -10.69
C PHE A 329 -4.60 -19.91 -12.17
N GLY A 330 -5.38 -19.26 -13.05
CA GLY A 330 -5.06 -19.29 -14.46
C GLY A 330 -6.22 -19.55 -15.39
N VAL A 331 -7.39 -19.91 -14.87
CA VAL A 331 -8.57 -20.02 -15.73
C VAL A 331 -8.88 -18.62 -16.26
N ASN A 332 -9.32 -18.56 -17.52
CA ASN A 332 -9.57 -17.27 -18.15
C ASN A 332 -10.56 -16.46 -17.33
N THR A 333 -10.34 -15.15 -17.29
CA THR A 333 -11.13 -14.30 -16.38
C THR A 333 -12.62 -14.37 -16.62
N PRO A 334 -13.13 -14.32 -17.86
CA PRO A 334 -14.60 -14.43 -18.02
C PRO A 334 -15.17 -15.71 -17.45
N ALA A 335 -14.48 -16.84 -17.59
CA ALA A 335 -14.97 -18.08 -16.99
C ALA A 335 -14.93 -18.01 -15.47
N VAL A 336 -13.89 -17.40 -14.88
CA VAL A 336 -13.89 -17.27 -13.42
C VAL A 336 -15.07 -16.42 -12.96
N VAL A 337 -15.29 -15.27 -13.61
CA VAL A 337 -16.44 -14.44 -13.24
C VAL A 337 -17.75 -15.23 -13.35
N GLU A 338 -17.93 -16.00 -14.43
CA GLU A 338 -19.13 -16.82 -14.58
C GLU A 338 -19.23 -17.93 -13.55
N SER A 339 -18.12 -18.31 -12.91
CA SER A 339 -18.11 -19.34 -11.89
C SER A 339 -18.39 -18.79 -10.48
N LEU A 340 -18.40 -17.48 -10.30
CA LEU A 340 -18.63 -16.97 -8.96
C LEU A 340 -19.99 -17.36 -8.41
N PRO A 341 -21.10 -17.33 -9.18
CA PRO A 341 -22.38 -17.76 -8.59
C PRO A 341 -22.44 -19.25 -8.30
N ASP A 342 -21.64 -20.07 -9.01
CA ASP A 342 -21.54 -21.48 -8.62
C ASP A 342 -20.83 -21.64 -7.29
N LEU A 343 -19.79 -20.81 -7.04
CA LEU A 343 -19.19 -20.82 -5.72
C LEU A 343 -20.17 -20.33 -4.66
N ASN A 344 -21.00 -19.33 -5.02
CA ASN A 344 -22.03 -18.90 -4.10
C ASN A 344 -23.04 -20.01 -3.82
N ALA A 345 -23.39 -20.81 -4.84
CA ALA A 345 -24.28 -21.93 -4.61
C ALA A 345 -23.67 -22.94 -3.65
N LEU A 346 -22.35 -23.16 -3.76
CA LEU A 346 -21.68 -24.04 -2.81
C LEU A 346 -21.75 -23.46 -1.40
N ARG A 347 -21.50 -22.15 -1.26
CA ARG A 347 -21.58 -21.52 0.05
C ARG A 347 -22.98 -21.66 0.64
N GLU A 348 -24.01 -21.43 -0.19
CA GLU A 348 -25.40 -21.61 0.25
C GLU A 348 -25.62 -23.01 0.82
N LEU A 349 -25.13 -24.03 0.10
CA LEU A 349 -25.31 -25.42 0.53
C LEU A 349 -24.71 -25.65 1.90
N CYS A 350 -23.57 -25.03 2.17
CA CYS A 350 -22.84 -25.27 3.41
C CYS A 350 -23.16 -24.21 4.47
N GLN A 351 -23.91 -23.19 4.09
CA GLN A 351 -24.22 -22.03 4.93
C GLN A 351 -22.96 -21.35 5.48
N THR B 4 -1.62 29.53 -17.77
CA THR B 4 -2.29 29.77 -16.49
C THR B 4 -1.88 28.73 -15.46
N VAL B 5 -1.96 29.13 -14.18
CA VAL B 5 -1.49 28.30 -13.09
C VAL B 5 -2.44 27.13 -12.87
N GLN B 6 -1.87 25.94 -12.63
CA GLN B 6 -2.66 24.79 -12.21
C GLN B 6 -2.97 24.87 -10.72
N PHE B 7 -4.17 24.46 -10.34
CA PHE B 7 -4.63 24.44 -8.95
C PHE B 7 -4.78 23.01 -8.46
N SER B 8 -4.16 22.71 -7.32
CA SER B 8 -4.17 21.37 -6.74
C SER B 8 -4.42 21.50 -5.24
N LEU B 9 -4.78 20.39 -4.61
CA LEU B 9 -4.88 20.35 -3.16
C LEU B 9 -3.62 19.67 -2.60
N TYR B 10 -3.30 20.01 -1.36
CA TYR B 10 -2.17 19.46 -0.65
C TYR B 10 -2.63 19.17 0.77
N TYR B 11 -2.30 17.99 1.29
CA TYR B 11 -2.65 17.62 2.65
C TYR B 11 -1.39 17.49 3.49
N PHE B 12 -1.40 18.16 4.63
CA PHE B 12 -0.37 17.99 5.64
C PHE B 12 -0.49 16.64 6.32
N GLY B 13 -1.69 16.07 6.34
CA GLY B 13 -1.97 14.84 7.06
C GLY B 13 -2.79 15.00 8.32
N ASN B 14 -3.47 16.13 8.49
CA ASN B 14 -4.20 16.37 9.73
C ASN B 14 -5.58 15.72 9.71
N TYR B 15 -6.09 15.42 10.90
CA TYR B 15 -7.45 14.91 11.03
C TYR B 15 -8.03 15.49 12.31
N GLU B 16 -9.30 15.19 12.55
CA GLU B 16 -10.03 15.96 13.57
C GLU B 16 -9.57 15.61 14.97
N SER B 17 -9.23 14.34 15.20
CA SER B 17 -8.68 13.93 16.48
C SER B 17 -7.89 12.65 16.28
N GLU B 18 -6.88 12.47 17.12
CA GLU B 18 -6.11 11.22 17.16
C GLU B 18 -7.04 10.01 17.22
N PHE B 19 -8.20 10.15 17.85
CA PHE B 19 -9.13 9.05 18.01
C PHE B 19 -10.42 9.29 17.24
N SER B 20 -10.33 10.03 16.13
CA SER B 20 -11.50 10.22 15.28
C SER B 20 -11.93 8.90 14.63
N HIS B 21 -13.25 8.74 14.48
CA HIS B 21 -13.78 7.61 13.74
C HIS B 21 -13.75 7.83 12.24
N ASP B 22 -13.45 9.04 11.77
CA ASP B 22 -13.47 9.40 10.36
C ASP B 22 -12.22 10.25 10.08
N LYS B 23 -11.05 9.62 10.18
CA LYS B 23 -9.78 10.34 10.07
C LYS B 23 -9.55 10.89 8.67
N TYR B 24 -10.17 10.32 7.64
CA TYR B 24 -9.98 10.75 6.27
C TYR B 24 -11.15 11.58 5.75
N ASN B 25 -11.94 12.15 6.67
CA ASN B 25 -13.09 12.97 6.34
C ASN B 25 -12.72 14.04 5.32
N LEU B 26 -11.82 14.95 5.70
CA LEU B 26 -11.48 16.06 4.82
C LEU B 26 -10.65 15.59 3.63
N LEU B 27 -9.88 14.52 3.81
CA LEU B 27 -9.10 14.00 2.69
C LEU B 27 -10.03 13.64 1.54
N PHE B 28 -11.08 12.85 1.81
CA PHE B 28 -11.94 12.43 0.72
C PHE B 28 -12.90 13.53 0.27
N ALA B 29 -13.39 14.35 1.21
CA ALA B 29 -14.29 15.43 0.83
C ALA B 29 -13.58 16.41 -0.11
N GLY B 30 -12.36 16.79 0.24
CA GLY B 30 -11.60 17.70 -0.62
C GLY B 30 -11.16 17.06 -1.92
N ALA B 31 -10.64 15.82 -1.85
CA ALA B 31 -10.17 15.18 -3.07
C ALA B 31 -11.28 14.96 -4.09
N LYS B 32 -12.46 14.53 -3.62
CA LYS B 32 -13.59 14.34 -4.51
C LYS B 32 -14.08 15.68 -5.06
N TYR B 33 -14.16 16.70 -4.21
CA TYR B 33 -14.57 18.01 -4.70
C TYR B 33 -13.58 18.51 -5.74
N ALA B 34 -12.29 18.47 -5.42
CA ALA B 34 -11.27 18.91 -6.38
C ALA B 34 -11.33 18.08 -7.66
N ASP B 35 -11.55 16.77 -7.54
CA ASP B 35 -11.60 15.92 -8.73
C ASP B 35 -12.70 16.37 -9.68
N GLN B 36 -13.86 16.75 -9.13
CA GLN B 36 -15.01 17.14 -9.93
C GLN B 36 -14.99 18.59 -10.39
N HIS B 37 -14.00 19.38 -10.00
CA HIS B 37 -14.01 20.81 -10.31
C HIS B 37 -12.72 21.25 -11.00
N GLY B 38 -12.12 20.37 -11.79
CA GLY B 38 -11.02 20.76 -12.64
C GLY B 38 -9.72 21.06 -11.94
N PHE B 39 -9.51 20.50 -10.75
CA PHE B 39 -8.22 20.66 -10.09
C PHE B 39 -7.24 19.65 -10.64
N THR B 40 -5.96 19.99 -10.60
CA THR B 40 -4.98 19.20 -11.32
C THR B 40 -4.57 17.96 -10.52
N ALA B 41 -4.24 18.14 -9.24
CA ALA B 41 -3.70 17.03 -8.46
C ALA B 41 -4.15 17.14 -7.01
N VAL B 42 -4.02 16.03 -6.30
CA VAL B 42 -4.08 16.02 -4.85
C VAL B 42 -2.76 15.43 -4.36
N TRP B 43 -2.09 16.15 -3.46
CA TRP B 43 -0.79 15.81 -2.94
C TRP B 43 -0.93 15.28 -1.52
N ILE B 44 -0.29 14.15 -1.23
CA ILE B 44 -0.34 13.62 0.13
C ILE B 44 1.06 13.33 0.67
N PRO B 45 1.25 13.38 2.00
CA PRO B 45 2.59 13.38 2.57
C PRO B 45 3.04 12.04 3.11
N GLU B 46 4.22 12.05 3.71
CA GLU B 46 4.71 10.93 4.51
C GLU B 46 5.18 11.50 5.84
N ARG B 47 4.57 11.04 6.93
CA ARG B 47 4.88 11.50 8.28
C ARG B 47 4.81 10.32 9.22
N HIS B 48 5.70 10.29 10.21
CA HIS B 48 5.80 9.18 11.13
C HIS B 48 5.84 9.66 12.58
N PHE B 49 5.21 8.88 13.46
CA PHE B 49 5.41 8.83 14.91
C PHE B 49 4.75 10.00 15.65
N HIS B 50 3.88 10.75 15.00
CA HIS B 50 3.16 11.84 15.65
C HIS B 50 1.68 11.77 15.30
N ALA B 51 0.82 11.86 16.32
CA ALA B 51 -0.60 11.96 16.03
C ALA B 51 -0.89 13.16 15.13
N PHE B 52 -0.27 14.30 15.42
CA PHE B 52 -0.50 15.49 14.61
C PHE B 52 0.07 15.30 13.22
N GLY B 53 -0.79 15.40 12.21
CA GLY B 53 -0.36 15.27 10.84
C GLY B 53 -0.06 13.86 10.41
N GLY B 54 -0.62 12.87 11.11
CA GLY B 54 -0.18 11.50 10.96
C GLY B 54 -1.06 10.57 10.13
N PHE B 55 -2.03 11.09 9.38
CA PHE B 55 -2.88 10.12 8.69
C PHE B 55 -2.19 9.42 7.54
N SER B 56 -1.01 9.88 7.10
CA SER B 56 -0.33 9.30 5.94
C SER B 56 1.10 8.91 6.30
N PRO B 57 1.28 7.73 6.91
CA PRO B 57 2.65 7.23 7.12
C PRO B 57 3.26 6.65 5.86
N ASN B 58 2.46 6.24 4.88
CA ASN B 58 2.98 5.83 3.58
C ASN B 58 1.99 6.33 2.54
N PRO B 59 2.35 7.34 1.73
CA PRO B 59 1.36 7.92 0.82
C PRO B 59 0.84 6.94 -0.21
N SER B 60 1.57 5.87 -0.53
CA SER B 60 1.05 4.95 -1.54
C SER B 60 -0.25 4.32 -1.08
N VAL B 61 -0.39 4.07 0.23
CA VAL B 61 -1.57 3.37 0.72
C VAL B 61 -2.78 4.29 0.62
N ILE B 62 -2.63 5.55 1.04
CA ILE B 62 -3.71 6.52 0.92
C ILE B 62 -4.03 6.78 -0.55
N ALA B 63 -2.99 6.86 -1.39
CA ALA B 63 -3.19 7.11 -2.82
C ALA B 63 -4.04 6.02 -3.47
N ALA B 64 -3.85 4.77 -3.06
CA ALA B 64 -4.64 3.68 -3.63
C ALA B 64 -6.12 3.88 -3.34
N ALA B 65 -6.43 4.39 -2.15
CA ALA B 65 -7.83 4.66 -1.81
C ALA B 65 -8.36 5.86 -2.59
N ILE B 66 -7.56 6.93 -2.68
CA ILE B 66 -7.98 8.09 -3.50
C ILE B 66 -8.24 7.66 -4.95
N ALA B 67 -7.43 6.73 -5.48
CA ALA B 67 -7.59 6.28 -6.86
C ALA B 67 -9.00 5.72 -7.12
N ARG B 68 -9.60 5.05 -6.14
CA ARG B 68 -10.93 4.46 -6.32
C ARG B 68 -12.06 5.43 -6.00
N GLU B 69 -11.75 6.64 -5.52
CA GLU B 69 -12.74 7.64 -5.18
C GLU B 69 -12.76 8.82 -6.14
N THR B 70 -11.89 8.81 -7.16
CA THR B 70 -11.71 9.93 -8.07
C THR B 70 -11.54 9.39 -9.49
N LYS B 71 -11.75 10.26 -10.48
CA LYS B 71 -11.69 9.83 -11.87
C LYS B 71 -10.59 10.51 -12.69
N GLN B 72 -10.31 11.80 -12.47
CA GLN B 72 -9.33 12.51 -13.31
C GLN B 72 -8.14 13.08 -12.57
N ILE B 73 -8.29 13.43 -11.28
CA ILE B 73 -7.26 14.19 -10.59
C ILE B 73 -5.98 13.37 -10.47
N GLN B 74 -4.84 14.02 -10.65
CA GLN B 74 -3.57 13.35 -10.41
C GLN B 74 -3.41 13.09 -8.92
N ILE B 75 -2.71 12.01 -8.60
CA ILE B 75 -2.53 11.58 -7.21
C ILE B 75 -1.04 11.52 -6.95
N ARG B 76 -0.53 12.47 -6.16
CA ARG B 76 0.89 12.70 -6.07
C ARG B 76 1.36 12.71 -4.63
N SER B 77 2.61 12.37 -4.42
CA SER B 77 3.17 12.34 -3.08
C SER B 77 3.97 13.60 -2.85
N GLY B 78 3.57 14.36 -1.83
CA GLY B 78 4.18 15.59 -1.41
C GLY B 78 5.01 15.23 -0.20
N SER B 79 5.49 14.01 -0.35
CA SER B 79 6.88 13.63 -0.55
C SER B 79 7.07 12.21 -0.06
N VAL B 80 7.53 11.35 -0.98
CA VAL B 80 8.13 10.10 -0.54
C VAL B 80 9.48 10.43 0.03
N VAL B 81 9.69 10.08 1.30
CA VAL B 81 10.99 10.28 1.93
C VAL B 81 11.84 9.09 1.54
N LEU B 82 12.50 9.17 0.38
CA LEU B 82 13.04 7.98 -0.25
C LEU B 82 14.01 7.19 0.61
N PRO B 83 14.94 7.79 1.37
CA PRO B 83 15.86 6.98 2.18
C PRO B 83 15.17 6.15 3.26
N LEU B 84 13.87 6.38 3.51
CA LEU B 84 13.10 5.57 4.44
C LEU B 84 12.46 4.35 3.78
N HIS B 85 12.66 4.15 2.47
CA HIS B 85 12.08 3.06 1.70
C HIS B 85 13.18 2.31 0.94
N HIS B 86 12.89 1.06 0.60
CA HIS B 86 13.67 0.46 -0.48
C HIS B 86 13.12 1.00 -1.80
N PRO B 87 13.97 1.49 -2.71
CA PRO B 87 13.46 1.97 -4.00
C PRO B 87 12.58 0.95 -4.71
N ILE B 88 12.85 -0.35 -4.52
CA ILE B 88 11.99 -1.36 -5.13
C ILE B 88 10.56 -1.21 -4.64
N ARG B 89 10.38 -1.00 -3.34
CA ARG B 89 9.02 -0.89 -2.82
C ARG B 89 8.34 0.39 -3.31
N VAL B 90 9.09 1.46 -3.52
CA VAL B 90 8.49 2.70 -4.03
C VAL B 90 7.90 2.46 -5.42
N VAL B 91 8.67 1.82 -6.31
CA VAL B 91 8.16 1.55 -7.64
C VAL B 91 6.99 0.57 -7.59
N GLU B 92 7.13 -0.51 -6.83
CA GLU B 92 6.08 -1.51 -6.71
C GLU B 92 4.76 -0.88 -6.27
N GLU B 93 4.81 -0.13 -5.17
CA GLU B 93 3.59 0.40 -4.58
C GLU B 93 2.97 1.48 -5.45
N TRP B 94 3.79 2.39 -5.99
CA TRP B 94 3.23 3.44 -6.83
C TRP B 94 2.83 2.92 -8.20
N SER B 95 3.41 1.80 -8.65
CA SER B 95 2.87 1.17 -9.86
C SER B 95 1.53 0.51 -9.59
N VAL B 96 1.36 -0.08 -8.40
CA VAL B 96 0.01 -0.52 -8.05
C VAL B 96 -0.96 0.65 -8.17
N VAL B 97 -0.64 1.79 -7.54
CA VAL B 97 -1.55 2.94 -7.60
C VAL B 97 -1.71 3.43 -9.03
N ASP B 98 -0.64 3.39 -9.83
CA ASP B 98 -0.74 3.83 -11.21
C ASP B 98 -1.76 2.98 -11.98
N ASN B 99 -1.76 1.67 -11.73
CA ASN B 99 -2.75 0.80 -12.35
C ASN B 99 -4.14 1.04 -11.77
N LEU B 100 -4.25 1.20 -10.45
CA LEU B 100 -5.55 1.43 -9.83
C LEU B 100 -6.18 2.74 -10.29
N SER B 101 -5.38 3.70 -10.73
CA SER B 101 -5.85 5.02 -11.11
C SER B 101 -5.79 5.26 -12.60
N GLN B 102 -5.46 4.24 -13.39
CA GLN B 102 -5.32 4.36 -14.84
C GLN B 102 -4.35 5.48 -15.23
N GLY B 103 -3.21 5.50 -14.54
CA GLY B 103 -2.10 6.34 -14.95
C GLY B 103 -2.08 7.75 -14.41
N ARG B 104 -2.44 7.94 -13.14
CA ARG B 104 -2.60 9.30 -12.62
C ARG B 104 -1.63 9.64 -11.49
N VAL B 105 -0.52 8.91 -11.34
CA VAL B 105 0.35 9.17 -10.20
C VAL B 105 1.52 10.07 -10.59
N GLY B 106 2.11 10.68 -9.57
CA GLY B 106 3.37 11.42 -9.62
C GLY B 106 3.96 11.44 -8.23
N ILE B 107 5.28 11.60 -8.16
CA ILE B 107 6.00 11.50 -6.90
C ILE B 107 6.99 12.64 -6.78
N SER B 108 6.95 13.37 -5.67
CA SER B 108 8.07 14.21 -5.29
C SER B 108 8.92 13.49 -4.25
N PHE B 109 10.24 13.58 -4.41
CA PHE B 109 11.18 12.85 -3.56
C PHE B 109 11.86 13.81 -2.60
N ALA B 110 11.91 13.41 -1.33
CA ALA B 110 12.57 14.17 -0.28
C ALA B 110 13.60 13.28 0.39
N SER B 111 14.63 13.90 0.98
CA SER B 111 15.70 13.14 1.58
C SER B 111 15.49 12.85 3.06
N GLY B 112 14.63 13.60 3.73
CA GLY B 112 14.50 13.51 5.16
C GLY B 112 15.55 14.35 5.88
N TRP B 113 15.33 14.57 7.17
CA TRP B 113 16.24 15.39 7.96
C TRP B 113 16.21 14.98 9.42
N ASN B 114 15.08 14.49 9.89
CA ASN B 114 14.90 14.13 11.29
C ASN B 114 15.42 12.72 11.55
N PRO B 115 16.49 12.57 12.32
CA PRO B 115 17.02 11.22 12.57
C PRO B 115 16.02 10.27 13.20
N ASN B 116 14.99 10.80 13.87
CA ASN B 116 13.98 9.95 14.48
C ASN B 116 13.17 9.22 13.41
N ASP B 117 12.88 9.89 12.29
CA ASP B 117 12.25 9.20 11.18
C ASP B 117 13.09 8.04 10.69
N PHE B 118 14.42 8.15 10.82
CA PHE B 118 15.30 7.08 10.35
C PHE B 118 15.36 5.91 11.32
N ALA B 119 14.49 5.86 12.33
CA ALA B 119 14.19 4.59 12.97
C ALA B 119 13.77 3.56 11.94
N LEU B 120 13.19 4.01 10.81
CA LEU B 120 12.78 3.12 9.74
C LEU B 120 13.92 2.67 8.87
N ALA B 121 15.06 3.36 8.95
CA ALA B 121 16.24 3.04 8.13
C ALA B 121 17.48 3.49 8.90
N PRO B 122 17.82 2.78 9.97
CA PRO B 122 18.82 3.30 10.93
C PRO B 122 20.24 3.40 10.38
N GLN B 123 20.56 2.74 9.27
CA GLN B 123 21.89 2.86 8.68
C GLN B 123 21.94 3.82 7.52
N SER B 124 20.88 4.59 7.28
CA SER B 124 20.79 5.43 6.09
C SER B 124 20.85 6.91 6.39
N PHE B 125 21.10 7.32 7.64
CA PHE B 125 21.15 8.73 8.01
C PHE B 125 22.59 9.22 8.02
N GLY B 126 22.81 10.42 7.49
CA GLY B 126 24.12 10.98 7.32
C GLY B 126 24.36 11.35 5.88
N ASN B 127 24.43 10.33 5.03
CA ASN B 127 24.54 10.48 3.59
C ASN B 127 23.20 10.27 2.88
N HIS B 128 22.10 10.60 3.56
CA HIS B 128 20.78 10.28 3.03
C HIS B 128 20.42 11.11 1.80
N ARG B 129 20.97 12.32 1.68
CA ARG B 129 20.70 13.10 0.48
C ARG B 129 21.30 12.43 -0.75
N GLU B 130 22.55 11.97 -0.63
CA GLU B 130 23.16 11.20 -1.72
C GLU B 130 22.38 9.92 -1.97
N LEU B 131 21.98 9.24 -0.90
CA LEU B 131 21.18 8.02 -1.04
C LEU B 131 19.88 8.30 -1.79
N MET B 132 19.27 9.47 -1.56
CA MET B 132 18.03 9.81 -2.26
C MET B 132 18.26 9.89 -3.76
N PHE B 133 19.27 10.65 -4.18
CA PHE B 133 19.48 10.82 -5.62
C PHE B 133 19.81 9.49 -6.29
N GLN B 134 20.60 8.65 -5.61
CA GLN B 134 20.84 7.30 -6.11
C GLN B 134 19.53 6.53 -6.28
N GLY B 135 18.70 6.55 -5.24
CA GLY B 135 17.42 5.86 -5.30
C GLY B 135 16.49 6.37 -6.38
N ILE B 136 16.53 7.67 -6.67
CA ILE B 136 15.67 8.19 -7.74
C ILE B 136 16.07 7.58 -9.07
N GLU B 137 17.36 7.44 -9.32
CA GLU B 137 17.79 6.81 -10.56
C GLU B 137 17.30 5.37 -10.63
N THR B 138 17.39 4.64 -9.51
CA THR B 138 16.86 3.27 -9.44
C THR B 138 15.36 3.26 -9.68
N VAL B 139 14.64 4.15 -9.00
CA VAL B 139 13.18 4.21 -9.16
C VAL B 139 12.83 4.44 -10.61
N ARG B 140 13.51 5.38 -11.26
CA ARG B 140 13.22 5.67 -12.67
C ARG B 140 13.51 4.48 -13.56
N LYS B 141 14.63 3.78 -13.33
CA LYS B 141 14.99 2.62 -14.15
C LYS B 141 13.97 1.51 -14.01
N LEU B 142 13.61 1.17 -12.76
CA LEU B 142 12.61 0.14 -12.51
C LEU B 142 11.26 0.51 -13.11
N TRP B 143 10.87 1.78 -12.99
CA TRP B 143 9.58 2.22 -13.52
C TRP B 143 9.49 1.98 -15.02
N ARG B 144 10.56 2.31 -15.75
CA ARG B 144 10.62 2.13 -17.20
C ARG B 144 10.50 0.66 -17.59
N GLY B 145 10.82 -0.26 -16.68
CA GLY B 145 10.77 -1.67 -16.99
C GLY B 145 12.12 -2.34 -17.07
N GLU B 146 13.20 -1.65 -16.72
CA GLU B 146 14.52 -2.23 -16.82
C GLU B 146 14.80 -3.14 -15.63
N PHE B 147 15.75 -4.05 -15.83
CA PHE B 147 16.28 -4.84 -14.73
C PHE B 147 17.27 -4.03 -13.92
N ILE B 148 17.31 -4.31 -12.63
CA ILE B 148 18.38 -3.80 -11.78
C ILE B 148 19.03 -4.99 -11.09
N GLN B 149 20.25 -4.77 -10.59
CA GLN B 149 21.04 -5.79 -9.94
C GLN B 149 21.09 -5.52 -8.45
N VAL B 150 20.78 -6.53 -7.64
CA VAL B 150 20.70 -6.38 -6.20
C VAL B 150 21.20 -7.66 -5.54
N GLN B 151 21.70 -7.53 -4.31
CA GLN B 151 22.09 -8.70 -3.52
C GLN B 151 20.83 -9.37 -2.97
N ASN B 152 20.76 -10.70 -3.09
CA ASN B 152 19.66 -11.44 -2.50
C ASN B 152 20.04 -11.88 -1.09
N GLY B 153 19.20 -12.71 -0.47
CA GLY B 153 19.34 -13.05 0.93
C GLY B 153 20.52 -13.94 1.26
N VAL B 154 21.17 -14.54 0.26
CA VAL B 154 22.35 -15.34 0.51
C VAL B 154 23.59 -14.75 -0.15
N GLY B 155 23.54 -13.46 -0.48
CA GLY B 155 24.69 -12.80 -1.06
C GLY B 155 24.90 -12.98 -2.54
N LYS B 156 23.94 -13.60 -3.25
CA LYS B 156 24.04 -13.67 -4.69
C LYS B 156 23.51 -12.41 -5.35
N SER B 157 24.27 -11.89 -6.33
CA SER B 157 23.79 -10.81 -7.17
C SER B 157 22.76 -11.34 -8.15
N ILE B 158 21.55 -10.75 -8.14
CA ILE B 158 20.47 -11.16 -9.02
C ILE B 158 19.96 -9.94 -9.78
N SER B 159 19.26 -10.19 -10.88
CA SER B 159 18.63 -9.16 -11.70
C SER B 159 17.12 -9.25 -11.56
N VAL B 160 16.47 -8.14 -11.19
CA VAL B 160 15.03 -8.13 -10.96
C VAL B 160 14.35 -6.96 -11.67
N GLN B 161 13.11 -7.21 -12.07
CA GLN B 161 12.17 -6.17 -12.46
C GLN B 161 11.13 -6.02 -11.36
N ALA B 162 10.50 -4.85 -11.32
CA ALA B 162 9.41 -4.61 -10.38
C ALA B 162 8.07 -4.82 -11.05
N PHE B 163 7.14 -5.45 -10.33
CA PHE B 163 5.80 -5.68 -10.84
C PHE B 163 4.78 -5.17 -9.84
N PRO B 164 3.56 -4.81 -10.29
CA PRO B 164 3.15 -4.87 -11.69
C PRO B 164 3.80 -3.78 -12.54
N ARG B 165 3.81 -3.94 -13.86
CA ARG B 165 4.29 -2.86 -14.69
C ARG B 165 3.33 -1.67 -14.61
N PRO B 166 3.85 -0.45 -14.55
CA PRO B 166 2.98 0.74 -14.52
C PRO B 166 2.27 0.92 -15.84
N MET B 167 1.32 1.86 -15.83
CA MET B 167 0.67 2.25 -17.08
C MET B 167 1.36 3.44 -17.72
N GLN B 168 1.82 4.39 -16.92
CA GLN B 168 2.62 5.48 -17.45
C GLN B 168 4.01 4.99 -17.82
N ALA B 169 4.42 5.27 -19.06
CA ALA B 169 5.75 4.86 -19.51
C ALA B 169 6.83 5.47 -18.64
N GLU B 170 6.65 6.71 -18.20
CA GLU B 170 7.64 7.42 -17.42
C GLU B 170 6.97 8.01 -16.18
N LEU B 171 7.66 7.92 -15.05
CA LEU B 171 7.12 8.44 -13.81
C LEU B 171 7.20 9.96 -13.81
N PRO B 172 6.09 10.67 -13.63
CA PRO B 172 6.20 12.11 -13.38
C PRO B 172 6.79 12.34 -11.99
N ASP B 173 7.96 12.99 -11.93
CA ASP B 173 8.57 13.15 -10.62
C ASP B 173 9.05 14.57 -10.41
N TRP B 174 9.28 14.88 -9.13
CA TRP B 174 9.72 16.16 -8.62
C TRP B 174 10.81 15.92 -7.59
N ILE B 175 11.58 16.98 -7.32
CA ILE B 175 12.51 17.02 -6.19
C ILE B 175 11.99 18.03 -5.18
N THR B 176 11.83 17.60 -3.94
CA THR B 176 11.38 18.52 -2.89
C THR B 176 12.54 19.38 -2.43
N VAL B 177 12.32 20.69 -2.34
CA VAL B 177 13.40 21.64 -2.09
C VAL B 177 12.83 22.87 -1.38
N VAL B 178 13.67 23.54 -0.60
CA VAL B 178 13.29 24.82 0.00
C VAL B 178 14.02 25.95 -0.72
N ASN B 179 15.22 26.30 -0.26
CA ASN B 179 15.93 27.44 -0.82
C ASN B 179 17.29 27.10 -1.41
N ASN B 180 17.74 25.86 -1.28
CA ASN B 180 19.06 25.45 -1.74
C ASN B 180 19.17 25.58 -3.27
N PRO B 181 19.95 26.53 -3.79
CA PRO B 181 20.02 26.68 -5.25
C PRO B 181 20.62 25.48 -5.94
N GLU B 182 21.57 24.79 -5.30
CA GLU B 182 22.16 23.61 -5.90
C GLU B 182 21.10 22.56 -6.22
N THR B 183 20.09 22.43 -5.35
CA THR B 183 19.07 21.40 -5.57
C THR B 183 18.17 21.76 -6.76
N TYR B 184 17.79 23.04 -6.90
CA TYR B 184 17.08 23.46 -8.11
C TYR B 184 17.90 23.16 -9.36
N ILE B 185 19.22 23.34 -9.29
CA ILE B 185 20.07 23.04 -10.44
C ILE B 185 20.11 21.53 -10.68
N LYS B 186 20.29 20.75 -9.62
CA LYS B 186 20.25 19.29 -9.74
C LYS B 186 18.95 18.81 -10.38
N ALA B 187 17.82 19.38 -9.95
CA ALA B 187 16.53 18.98 -10.51
C ALA B 187 16.47 19.24 -12.00
N GLY B 188 16.98 20.39 -12.44
CA GLY B 188 17.03 20.66 -13.88
C GLY B 188 17.93 19.69 -14.62
N GLU B 189 19.06 19.31 -14.00
CA GLU B 189 19.94 18.31 -14.60
C GLU B 189 19.24 16.98 -14.79
N MET B 190 18.33 16.64 -13.88
CA MET B 190 17.61 15.36 -13.93
C MET B 190 16.34 15.42 -14.75
N GLY B 191 15.94 16.59 -15.23
CA GLY B 191 14.66 16.69 -15.90
C GLY B 191 13.47 16.66 -14.97
N SER B 192 13.71 16.66 -13.67
CA SER B 192 12.64 16.54 -12.68
C SER B 192 11.97 17.89 -12.43
N GLY B 193 10.80 17.85 -11.81
CA GLY B 193 10.19 19.05 -11.27
C GLY B 193 10.83 19.47 -9.95
N VAL B 194 10.33 20.60 -9.43
CA VAL B 194 10.69 21.07 -8.10
C VAL B 194 9.41 21.33 -7.33
N LEU B 195 9.35 20.82 -6.11
CA LEU B 195 8.23 21.02 -5.20
C LEU B 195 8.76 21.82 -4.03
N THR B 196 8.22 23.01 -3.82
CA THR B 196 8.79 23.93 -2.84
C THR B 196 7.66 24.62 -2.09
N ASN B 197 8.04 25.61 -1.26
CA ASN B 197 7.08 26.34 -0.45
C ASN B 197 7.60 27.75 -0.26
N LEU B 198 6.79 28.59 0.40
CA LEU B 198 7.18 29.96 0.71
C LEU B 198 7.25 30.20 2.21
N MET B 199 7.38 29.14 3.01
CA MET B 199 7.61 29.28 4.44
C MET B 199 9.08 29.50 4.76
N GLY B 200 9.98 28.99 3.92
CA GLY B 200 11.40 29.07 4.18
C GLY B 200 12.18 29.75 3.09
N GLN B 201 11.49 30.52 2.24
CA GLN B 201 12.16 31.33 1.23
C GLN B 201 11.22 32.45 0.82
N SER B 202 11.81 33.58 0.43
CA SER B 202 11.04 34.71 -0.05
C SER B 202 10.61 34.48 -1.51
N ILE B 203 9.63 35.28 -1.94
CA ILE B 203 9.20 35.24 -3.33
C ILE B 203 10.34 35.63 -4.25
N GLU B 204 11.22 36.52 -3.80
CA GLU B 204 12.36 36.90 -4.61
C GLU B 204 13.36 35.76 -4.71
N ASP B 205 13.65 35.11 -3.57
CA ASP B 205 14.47 33.92 -3.58
C ASP B 205 13.88 32.85 -4.48
N LEU B 206 12.56 32.68 -4.43
CA LEU B 206 11.90 31.70 -5.29
C LEU B 206 12.08 32.05 -6.76
N ALA B 207 11.88 33.31 -7.13
CA ALA B 207 12.01 33.70 -8.53
C ALA B 207 13.40 33.39 -9.06
N GLU B 208 14.44 33.65 -8.26
CA GLU B 208 15.79 33.34 -8.72
C GLU B 208 16.01 31.83 -8.82
N ASN B 209 15.49 31.07 -7.86
CA ASN B 209 15.68 29.62 -7.87
C ASN B 209 14.99 28.98 -9.07
N ILE B 210 13.79 29.45 -9.42
CA ILE B 210 13.13 28.95 -10.61
C ILE B 210 13.96 29.23 -11.85
N ALA B 211 14.50 30.45 -11.95
CA ALA B 211 15.31 30.81 -13.11
C ALA B 211 16.52 29.90 -13.23
N LEU B 212 17.19 29.59 -12.12
CA LEU B 212 18.29 28.65 -12.14
C LEU B 212 17.83 27.27 -12.61
N TYR B 213 16.70 26.82 -12.06
CA TYR B 213 16.14 25.52 -12.44
C TYR B 213 15.86 25.45 -13.94
N ARG B 214 15.20 26.48 -14.48
CA ARG B 214 14.86 26.46 -15.90
C ARG B 214 16.10 26.61 -16.78
N GLU B 215 17.10 27.31 -16.28
CA GLU B 215 18.38 27.42 -16.98
C GLU B 215 19.05 26.06 -17.08
N SER B 216 19.10 25.32 -15.96
CA SER B 216 19.70 24.00 -15.93
C SER B 216 18.93 23.01 -16.79
N LEU B 217 17.61 23.18 -16.90
CA LEU B 217 16.81 22.30 -17.74
C LEU B 217 17.27 22.34 -19.19
N GLU B 218 17.29 23.54 -19.79
CA GLU B 218 17.69 23.65 -21.18
C GLU B 218 19.17 23.33 -21.37
N LYS B 219 20.01 23.64 -20.38
CA LYS B 219 21.42 23.31 -20.49
C LYS B 219 21.63 21.81 -20.68
N HIS B 220 20.74 20.99 -20.10
CA HIS B 220 20.90 19.55 -20.17
C HIS B 220 19.96 18.91 -21.18
N GLY B 221 19.41 19.69 -22.10
CA GLY B 221 18.70 19.15 -23.24
C GLY B 221 17.22 18.94 -23.06
N TYR B 222 16.67 19.17 -21.87
CA TYR B 222 15.25 19.02 -21.67
C TYR B 222 14.51 20.23 -22.24
N ASN B 223 13.38 19.98 -22.88
CA ASN B 223 12.51 21.07 -23.31
C ASN B 223 12.08 21.87 -22.09
N PRO B 224 12.26 23.20 -22.08
CA PRO B 224 11.80 23.99 -20.94
C PRO B 224 10.30 23.91 -20.70
N ALA B 225 9.51 23.44 -21.68
CA ALA B 225 8.11 23.20 -21.42
C ALA B 225 7.91 22.04 -20.46
N SER B 226 8.84 21.09 -20.43
CA SER B 226 8.77 19.94 -19.54
C SER B 226 9.07 20.29 -18.10
N GLY B 227 9.37 21.55 -17.80
CA GLY B 227 9.65 21.94 -16.43
C GLY B 227 8.38 21.93 -15.59
N LYS B 228 8.54 21.56 -14.33
CA LYS B 228 7.42 21.48 -13.39
C LYS B 228 7.82 22.19 -12.11
N VAL B 229 7.20 23.34 -11.85
CA VAL B 229 7.42 24.12 -10.64
C VAL B 229 6.12 24.14 -9.85
N THR B 230 6.12 23.50 -8.68
CA THR B 230 4.95 23.39 -7.83
C THR B 230 5.26 24.03 -6.48
N VAL B 231 4.37 24.89 -5.99
CA VAL B 231 4.57 25.60 -4.74
C VAL B 231 3.39 25.28 -3.81
N LEU B 232 3.71 24.71 -2.65
CA LEU B 232 2.75 24.54 -1.57
C LEU B 232 2.39 25.90 -0.99
N LEU B 233 1.09 26.15 -0.83
CA LEU B 233 0.64 27.41 -0.23
C LEU B 233 -0.47 27.12 0.77
N HIS B 234 -0.33 27.66 1.98
CA HIS B 234 -1.42 27.60 2.95
C HIS B 234 -2.64 28.29 2.37
N THR B 235 -3.78 27.60 2.41
CA THR B 235 -4.94 28.05 1.65
C THR B 235 -6.21 27.98 2.50
N PHE B 236 -6.93 29.09 2.55
CA PHE B 236 -8.27 29.14 3.13
C PHE B 236 -8.94 30.37 2.54
N VAL B 237 -9.94 30.16 1.69
CA VAL B 237 -10.55 31.23 0.91
C VAL B 237 -12.00 31.42 1.34
N GLY B 238 -12.41 32.69 1.48
CA GLY B 238 -13.78 33.03 1.82
C GLY B 238 -14.24 34.28 1.10
N GLN B 239 -15.48 34.66 1.37
CA GLN B 239 -16.07 35.81 0.69
C GLN B 239 -15.69 37.15 1.33
N ASP B 240 -15.41 37.15 2.63
CA ASP B 240 -15.02 38.34 3.35
C ASP B 240 -13.56 38.22 3.79
N LEU B 241 -12.77 39.25 3.49
CA LEU B 241 -11.32 39.17 3.70
C LEU B 241 -10.97 39.07 5.18
N GLU B 242 -11.48 39.99 6.00
CA GLU B 242 -11.07 40.03 7.40
C GLU B 242 -11.60 38.81 8.17
N GLN B 243 -12.84 38.38 7.88
CA GLN B 243 -13.37 37.22 8.57
C GLN B 243 -12.59 35.95 8.19
N THR B 244 -12.29 35.79 6.90
CA THR B 244 -11.50 34.65 6.44
C THR B 244 -10.12 34.63 7.10
N ARG B 245 -9.43 35.78 7.10
CA ARG B 245 -8.13 35.88 7.75
C ARG B 245 -8.21 35.47 9.21
N GLU B 246 -9.27 35.90 9.92
CA GLU B 246 -9.33 35.63 11.36
C GLU B 246 -9.59 34.15 11.64
N ILE B 247 -10.42 33.50 10.82
CA ILE B 247 -10.66 32.06 10.98
C ILE B 247 -9.36 31.28 10.81
N ALA B 248 -8.50 31.71 9.89
CA ALA B 248 -7.26 31.00 9.65
C ALA B 248 -6.16 31.34 10.65
N ARG B 249 -6.30 32.41 11.43
CA ARG B 249 -5.15 32.98 12.12
C ARG B 249 -4.62 32.06 13.22
N GLN B 250 -5.47 31.66 14.16
CA GLN B 250 -4.99 30.78 15.23
C GLN B 250 -4.42 29.47 14.70
N PRO B 251 -5.11 28.71 13.85
CA PRO B 251 -4.53 27.43 13.39
C PRO B 251 -3.20 27.60 12.66
N LEU B 252 -3.08 28.62 11.81
CA LEU B 252 -1.85 28.82 11.07
C LEU B 252 -0.73 29.32 11.96
N CYS B 253 -1.04 30.24 12.89
CA CYS B 253 -0.03 30.71 13.82
C CYS B 253 0.48 29.57 14.69
N ASP B 254 -0.45 28.76 15.22
CA ASP B 254 -0.08 27.60 16.03
C ASP B 254 0.98 26.75 15.33
N TYR B 255 0.80 26.50 14.03
CA TYR B 255 1.73 25.66 13.30
C TYR B 255 3.09 26.33 13.13
N LEU B 256 3.09 27.59 12.68
CA LEU B 256 4.34 28.28 12.41
C LEU B 256 5.17 28.47 13.68
N LYS B 257 4.51 28.53 14.84
CA LYS B 257 5.18 28.65 16.13
C LYS B 257 5.55 27.29 16.73
N SER B 258 5.04 26.20 16.15
CA SER B 258 5.22 24.89 16.78
C SER B 258 6.67 24.47 16.90
N SER B 259 7.56 25.02 16.07
CA SER B 259 8.97 24.65 16.13
C SER B 259 9.83 25.89 15.95
N VAL B 260 11.08 25.79 16.45
CA VAL B 260 12.02 26.91 16.33
C VAL B 260 12.37 27.15 14.87
N ALA B 261 12.56 26.09 14.10
CA ALA B 261 12.93 26.24 12.70
C ALA B 261 11.82 26.91 11.90
N LEU B 262 10.59 26.42 12.05
CA LEU B 262 9.45 27.03 11.36
C LEU B 262 9.31 28.50 11.74
N PHE B 263 9.41 28.79 13.04
CA PHE B 263 9.30 30.16 13.53
C PHE B 263 10.36 31.05 12.90
N GLN B 264 11.62 30.61 12.92
CA GLN B 264 12.70 31.47 12.46
C GLN B 264 12.87 31.44 10.94
N ASN B 265 12.54 30.32 10.29
CA ASN B 265 12.54 30.32 8.82
C ASN B 265 11.51 31.29 8.27
N LEU B 266 10.41 31.50 9.01
CA LEU B 266 9.38 32.42 8.57
C LEU B 266 9.84 33.87 8.72
N VAL B 267 10.32 34.25 9.91
CA VAL B 267 10.74 35.63 10.14
C VAL B 267 11.88 36.01 9.21
N LYS B 268 12.76 35.06 8.87
CA LYS B 268 13.85 35.36 7.96
C LYS B 268 13.36 35.47 6.51
N SER B 269 12.45 34.59 6.09
CA SER B 269 11.90 34.67 4.74
C SER B 269 10.92 35.82 4.58
N GLN B 270 10.48 36.45 5.67
CA GLN B 270 9.64 37.64 5.62
C GLN B 270 10.42 38.93 5.82
N GLY B 271 11.71 38.85 6.17
CA GLY B 271 12.52 40.03 6.38
C GLY B 271 13.20 40.08 7.73
N LEU B 288 5.45 35.56 16.18
CA LEU B 288 5.34 36.99 15.88
C LEU B 288 4.17 37.28 14.94
N SER B 289 3.36 38.28 15.30
CA SER B 289 2.27 38.71 14.43
C SER B 289 2.76 39.54 13.25
N ALA B 290 4.00 40.04 13.30
CA ALA B 290 4.52 40.86 12.21
C ALA B 290 4.83 40.01 10.99
N ALA B 291 5.55 38.91 11.18
CA ALA B 291 5.86 38.02 10.07
C ALA B 291 4.60 37.38 9.49
N TYR B 292 3.61 37.08 10.35
CA TYR B 292 2.38 36.46 9.89
C TYR B 292 1.64 37.35 8.89
N ASN B 293 1.47 38.63 9.24
CA ASN B 293 0.65 39.51 8.40
C ASN B 293 1.28 39.68 7.02
N ARG B 294 2.61 39.75 6.95
CA ARG B 294 3.26 39.76 5.65
C ARG B 294 3.16 38.40 4.97
N TYR B 295 3.20 37.32 5.74
CA TYR B 295 3.14 35.98 5.17
C TYR B 295 1.80 35.72 4.48
N VAL B 296 0.70 36.01 5.18
CA VAL B 296 -0.61 35.71 4.62
C VAL B 296 -0.96 36.62 3.45
N GLN B 297 -0.36 37.81 3.38
CA GLN B 297 -0.66 38.71 2.27
C GLN B 297 0.03 38.28 0.98
N SER B 298 1.26 37.81 1.07
CA SER B 298 2.13 37.65 -0.09
C SER B 298 2.47 36.21 -0.42
N SER B 299 2.48 35.32 0.57
CA SER B 299 3.04 33.99 0.41
C SER B 299 2.06 32.91 0.83
N ALA B 300 0.76 33.22 0.79
CA ALA B 300 -0.30 32.26 1.08
C ALA B 300 -1.53 32.62 0.27
N LEU B 301 -2.53 31.74 0.31
CA LEU B 301 -3.82 31.97 -0.33
C LEU B 301 -4.88 31.99 0.75
N ILE B 302 -4.84 33.03 1.58
CA ILE B 302 -5.77 33.17 2.70
C ILE B 302 -6.47 34.50 2.54
N GLY B 303 -7.73 34.47 2.15
CA GLY B 303 -8.47 35.70 1.93
C GLY B 303 -9.61 35.46 0.95
N THR B 304 -9.84 36.42 0.07
CA THR B 304 -10.89 36.34 -0.93
C THR B 304 -10.32 35.87 -2.25
N PRO B 305 -11.17 35.39 -3.16
CA PRO B 305 -10.70 35.12 -4.52
C PRO B 305 -9.91 36.29 -5.09
N ALA B 306 -10.39 37.51 -4.88
CA ALA B 306 -9.72 38.67 -5.43
C ALA B 306 -8.38 38.93 -4.76
N SER B 307 -8.33 38.87 -3.43
CA SER B 307 -7.06 39.12 -2.75
C SER B 307 -6.05 38.01 -3.07
N CYS B 308 -6.52 36.77 -3.14
CA CYS B 308 -5.60 35.66 -3.40
C CYS B 308 -5.13 35.65 -4.85
N ALA B 309 -5.98 36.11 -5.78
CA ALA B 309 -5.58 36.19 -7.18
C ALA B 309 -4.33 37.05 -7.38
N GLU B 310 -4.16 38.10 -6.56
CA GLU B 310 -2.95 38.91 -6.65
C GLU B 310 -1.72 38.08 -6.36
N VAL B 311 -1.81 37.17 -5.39
CA VAL B 311 -0.68 36.28 -5.11
C VAL B 311 -0.42 35.34 -6.29
N ILE B 312 -1.49 34.77 -6.85
CA ILE B 312 -1.31 33.85 -7.98
C ILE B 312 -0.67 34.58 -9.16
N ALA B 313 -1.06 35.85 -9.38
CA ALA B 313 -0.47 36.61 -10.48
C ALA B 313 1.03 36.80 -10.30
N LYS B 314 1.46 37.11 -9.08
CA LYS B 314 2.89 37.24 -8.82
C LYS B 314 3.61 35.91 -9.05
N LEU B 315 3.03 34.81 -8.55
CA LEU B 315 3.68 33.52 -8.70
C LEU B 315 3.73 33.09 -10.17
N GLN B 316 2.64 33.32 -10.91
CA GLN B 316 2.62 33.00 -12.33
C GLN B 316 3.71 33.77 -13.08
N ALA B 317 3.91 35.03 -12.72
CA ALA B 317 4.86 35.86 -13.45
C ALA B 317 6.30 35.45 -13.21
N ILE B 318 6.59 34.74 -12.12
CA ILE B 318 7.95 34.27 -11.84
C ILE B 318 8.13 32.80 -12.22
N GLY B 319 7.13 32.19 -12.86
CA GLY B 319 7.30 30.88 -13.44
C GLY B 319 6.73 29.71 -12.66
N VAL B 320 5.83 29.94 -11.71
CA VAL B 320 5.19 28.84 -10.99
C VAL B 320 4.17 28.17 -11.89
N ASP B 321 4.25 26.84 -12.01
CA ASP B 321 3.32 26.11 -12.87
C ASP B 321 2.07 25.65 -12.11
N GLU B 322 2.22 25.34 -10.83
CA GLU B 322 1.16 24.67 -10.09
C GLU B 322 1.22 25.13 -8.65
N VAL B 323 0.07 25.49 -8.08
CA VAL B 323 -0.02 25.76 -6.65
C VAL B 323 -0.69 24.57 -6.00
N ALA B 324 -0.07 24.07 -4.93
CA ALA B 324 -0.62 22.96 -4.15
C ALA B 324 -1.20 23.57 -2.87
N CYS B 325 -2.53 23.64 -2.83
CA CYS B 325 -3.22 24.37 -1.78
C CYS B 325 -3.35 23.50 -0.54
N LEU B 326 -2.56 23.84 0.49
CA LEU B 326 -2.60 23.13 1.77
C LEU B 326 -3.82 23.60 2.55
N ILE B 327 -4.83 22.75 2.62
CA ILE B 327 -6.12 23.13 3.19
C ILE B 327 -6.36 22.55 4.57
N ASP B 328 -5.52 21.64 5.06
CA ASP B 328 -5.80 21.00 6.34
C ASP B 328 -4.79 21.40 7.41
N PHE B 329 -4.55 22.71 7.56
CA PHE B 329 -3.55 23.15 8.52
C PHE B 329 -4.13 23.41 9.90
N GLY B 330 -5.43 23.21 10.11
CA GLY B 330 -6.00 23.33 11.44
C GLY B 330 -7.38 23.97 11.52
N VAL B 331 -7.85 24.57 10.42
CA VAL B 331 -9.21 25.13 10.43
C VAL B 331 -10.20 23.98 10.48
N ASN B 332 -11.30 24.19 11.21
CA ASN B 332 -12.25 23.10 11.44
C ASN B 332 -12.79 22.55 10.13
N THR B 333 -13.02 21.23 10.10
CA THR B 333 -13.37 20.57 8.84
C THR B 333 -14.65 21.12 8.20
N PRO B 334 -15.75 21.33 8.93
CA PRO B 334 -16.92 21.93 8.27
C PRO B 334 -16.61 23.26 7.59
N ALA B 335 -15.79 24.10 8.20
CA ALA B 335 -15.44 25.38 7.60
C ALA B 335 -14.57 25.19 6.36
N VAL B 336 -13.62 24.24 6.40
CA VAL B 336 -12.81 23.98 5.22
C VAL B 336 -13.68 23.46 4.08
N VAL B 337 -14.60 22.52 4.38
CA VAL B 337 -15.49 22.02 3.35
C VAL B 337 -16.34 23.15 2.77
N GLU B 338 -16.86 24.01 3.66
CA GLU B 338 -17.65 25.15 3.20
C GLU B 338 -16.83 26.10 2.35
N SER B 339 -15.51 26.12 2.53
CA SER B 339 -14.63 27.01 1.79
C SER B 339 -14.26 26.48 0.42
N LEU B 340 -14.55 25.22 0.11
CA LEU B 340 -14.13 24.67 -1.17
C LEU B 340 -14.71 25.42 -2.37
N PRO B 341 -15.98 25.82 -2.40
CA PRO B 341 -16.45 26.60 -3.56
C PRO B 341 -15.79 27.97 -3.66
N ASP B 342 -15.33 28.54 -2.55
CA ASP B 342 -14.56 29.77 -2.61
C ASP B 342 -13.20 29.53 -3.27
N LEU B 343 -12.54 28.41 -2.94
CA LEU B 343 -11.28 28.07 -3.59
C LEU B 343 -11.48 27.80 -5.07
N ASN B 344 -12.58 27.13 -5.42
CA ASN B 344 -12.91 26.95 -6.83
C ASN B 344 -13.10 28.30 -7.53
N ALA B 345 -13.73 29.26 -6.84
CA ALA B 345 -13.88 30.58 -7.42
C ALA B 345 -12.53 31.21 -7.69
N LEU B 346 -11.57 31.07 -6.76
CA LEU B 346 -10.23 31.55 -7.01
C LEU B 346 -9.63 30.88 -8.25
N ARG B 347 -9.73 29.56 -8.32
CA ARG B 347 -9.21 28.84 -9.48
C ARG B 347 -9.82 29.35 -10.78
N GLU B 348 -11.13 29.59 -10.79
CA GLU B 348 -11.78 30.08 -12.02
C GLU B 348 -11.33 31.50 -12.34
N LEU B 349 -11.16 32.34 -11.32
CA LEU B 349 -10.64 33.70 -11.52
C LEU B 349 -9.31 33.67 -12.25
N CYS B 350 -8.45 32.70 -11.92
CA CYS B 350 -7.13 32.57 -12.52
C CYS B 350 -7.11 31.54 -13.66
N GLN B 351 -8.25 30.89 -13.92
CA GLN B 351 -8.39 29.78 -14.88
C GLN B 351 -7.27 28.75 -14.77
#